data_3UAM
#
_entry.id   3UAM
#
_cell.length_a   70.920
_cell.length_b   74.780
_cell.length_c   74.770
_cell.angle_alpha   120.04
_cell.angle_beta   98.04
_cell.angle_gamma   102.98
#
_symmetry.space_group_name_H-M   'P 1'
#
loop_
_entity.id
_entity.type
_entity.pdbx_description
1 polymer 'Chitin binding domain'
2 non-polymer 'NITRATE ION'
3 non-polymer GLYCEROL
4 water water
#
_entity_poly.entity_id   1
_entity_poly.type   'polypeptide(L)'
_entity_poly.pdbx_seq_one_letter_code
;GSMSTTDSRSATKSSSISPRHGRVITPESRAVYLYEAGRLDFGQVNELEGGKFFPATQSGLRDPDAPDDVANGMPPRDGE
IASGGRTADARAQLNEPDSVAHWQKHAVRSGQSLQISWSYSMPHKTRRWTYWITKPGWDTQARLARAHFEPDPLKVYLNT
YQPYWGPDADKELIPQGETIHEFNLPTRTGYHVLLAVWDVADTANAFYQVIDLNFA
;
_entity_poly.pdbx_strand_id   A,B,C,D,E,F
#
loop_
_chem_comp.id
_chem_comp.type
_chem_comp.name
_chem_comp.formula
GOL non-polymer GLYCEROL 'C3 H8 O3'
NO3 non-polymer 'NITRATE ION' 'N O3 -1'
#
# COMPACT_ATOMS: atom_id res chain seq x y z
N PRO A 19 -11.20 -23.73 -14.70
CA PRO A 19 -10.54 -23.28 -13.46
C PRO A 19 -9.04 -23.48 -13.55
N ARG A 20 -8.28 -22.43 -13.25
CA ARG A 20 -6.82 -22.43 -13.36
C ARG A 20 -6.26 -22.40 -11.94
N HIS A 21 -5.58 -23.48 -11.57
CA HIS A 21 -5.26 -23.77 -10.19
C HIS A 21 -3.81 -24.05 -10.04
N GLY A 22 -3.25 -23.62 -8.92
CA GLY A 22 -1.88 -23.96 -8.55
C GLY A 22 -1.71 -23.86 -7.05
N ARG A 23 -0.93 -24.79 -6.47
CA ARG A 23 -0.59 -24.75 -5.04
C ARG A 23 0.70 -25.53 -4.76
N VAL A 24 1.31 -25.25 -3.61
CA VAL A 24 2.41 -26.06 -3.12
C VAL A 24 1.88 -27.18 -2.22
N ILE A 25 2.00 -28.41 -2.70
CA ILE A 25 1.45 -29.54 -2.01
C ILE A 25 2.42 -30.11 -0.99
N THR A 26 3.73 -29.98 -1.22
CA THR A 26 4.71 -30.41 -0.21
C THR A 26 5.98 -29.54 -0.29
N PRO A 27 6.52 -29.16 0.87
CA PRO A 27 5.84 -29.33 2.15
C PRO A 27 4.51 -28.60 2.08
N GLU A 28 3.52 -29.07 2.83
CA GLU A 28 2.18 -28.55 2.75
C GLU A 28 2.23 -27.04 3.02
N SER A 29 1.63 -26.27 2.13
CA SER A 29 1.53 -24.85 2.32
C SER A 29 0.52 -24.59 3.44
N ARG A 30 0.54 -23.36 3.94
CA ARG A 30 -0.41 -22.94 4.95
C ARG A 30 -1.84 -23.21 4.49
N ALA A 31 -2.12 -22.89 3.23
CA ALA A 31 -3.48 -23.04 2.70
C ALA A 31 -3.86 -24.52 2.59
N VAL A 32 -2.90 -25.35 2.14
CA VAL A 32 -3.13 -26.81 2.07
C VAL A 32 -3.48 -27.38 3.45
N TYR A 33 -2.76 -26.94 4.48
CA TYR A 33 -3.06 -27.39 5.82
C TYR A 33 -4.46 -26.93 6.24
N LEU A 34 -4.88 -25.73 5.86
CA LEU A 34 -6.25 -25.30 6.15
C LEU A 34 -7.26 -26.17 5.42
N TYR A 35 -6.98 -26.50 4.16
CA TYR A 35 -7.81 -27.45 3.40
C TYR A 35 -7.92 -28.79 4.15
N GLU A 36 -6.81 -29.30 4.66
CA GLU A 36 -6.85 -30.63 5.33
C GLU A 36 -7.64 -30.59 6.64
N ALA A 37 -7.70 -29.41 7.26
CA ALA A 37 -8.49 -29.19 8.46
C ALA A 37 -9.96 -28.88 8.16
N GLY A 38 -10.36 -28.90 6.89
CA GLY A 38 -11.74 -28.58 6.52
C GLY A 38 -12.12 -27.09 6.51
N ARG A 39 -11.14 -26.18 6.52
CA ARG A 39 -11.42 -24.74 6.66
C ARG A 39 -11.32 -23.96 5.36
N LEU A 40 -10.76 -24.55 4.31
CA LEU A 40 -10.83 -23.98 2.97
C LEU A 40 -11.22 -25.07 2.00
N ASP A 41 -11.94 -24.72 0.93
CA ASP A 41 -12.23 -25.75 -0.06
C ASP A 41 -11.10 -25.85 -1.09
N PHE A 42 -11.18 -26.82 -1.98
CA PHE A 42 -10.10 -27.08 -2.93
C PHE A 42 -9.85 -25.89 -3.88
N GLY A 43 -10.91 -25.29 -4.42
CA GLY A 43 -10.74 -24.11 -5.28
C GLY A 43 -9.96 -23.00 -4.57
N GLN A 44 -10.41 -22.70 -3.37
CA GLN A 44 -9.80 -21.64 -2.55
C GLN A 44 -8.30 -21.82 -2.33
N VAL A 45 -7.85 -23.03 -1.97
CA VAL A 45 -6.42 -23.32 -1.77
CA VAL A 45 -6.43 -23.26 -1.74
C VAL A 45 -5.60 -23.05 -3.02
N ASN A 46 -6.23 -23.31 -4.17
CA ASN A 46 -5.60 -23.25 -5.50
C ASN A 46 -5.77 -21.91 -6.25
N GLU A 47 -6.39 -20.91 -5.61
CA GLU A 47 -6.73 -19.64 -6.24
C GLU A 47 -6.28 -18.44 -5.37
N LEU A 48 -5.07 -18.55 -4.81
CA LEU A 48 -4.48 -17.47 -4.06
C LEU A 48 -3.74 -16.59 -5.07
N GLU A 49 -4.54 -15.94 -5.91
CA GLU A 49 -4.09 -15.31 -7.14
C GLU A 49 -4.22 -13.78 -7.02
N GLY A 50 -3.11 -13.10 -7.14
CA GLY A 50 -3.12 -11.65 -7.17
C GLY A 50 -2.02 -11.17 -8.09
N GLY A 51 -1.82 -9.85 -8.11
CA GLY A 51 -0.85 -9.26 -9.02
C GLY A 51 0.52 -9.82 -8.78
N LYS A 52 1.24 -10.09 -9.88
CA LYS A 52 2.62 -10.58 -9.82
C LYS A 52 3.65 -9.47 -9.54
N PHE A 53 4.89 -9.87 -9.34
CA PHE A 53 6.04 -8.98 -9.12
C PHE A 53 6.15 -8.42 -7.69
N PHE A 54 5.58 -9.15 -6.72
CA PHE A 54 6.03 -9.01 -5.34
C PHE A 54 7.56 -8.95 -5.31
N PRO A 55 8.15 -8.03 -4.53
CA PRO A 55 7.55 -7.15 -3.54
C PRO A 55 7.14 -5.77 -4.04
N ALA A 56 6.92 -5.61 -5.35
CA ALA A 56 6.47 -4.31 -5.86
C ALA A 56 5.11 -3.99 -5.23
N THR A 57 4.77 -2.71 -5.15
CA THR A 57 3.47 -2.28 -4.60
C THR A 57 2.61 -1.53 -5.63
N GLN A 58 2.89 -1.69 -6.90
CA GLN A 58 2.24 -0.91 -7.97
C GLN A 58 1.92 -1.86 -9.13
N SER A 59 0.89 -1.53 -9.91
CA SER A 59 0.58 -2.30 -11.11
C SER A 59 1.19 -1.66 -12.36
N GLY A 60 1.12 -2.39 -13.47
CA GLY A 60 1.50 -1.86 -14.78
C GLY A 60 2.98 -1.96 -15.10
N LEU A 61 3.76 -2.57 -14.20
CA LEU A 61 5.17 -2.84 -14.44
C LEU A 61 5.32 -3.91 -15.51
N ARG A 62 6.31 -3.75 -16.39
CA ARG A 62 6.67 -4.81 -17.31
C ARG A 62 7.57 -5.83 -16.60
N ASP A 63 7.58 -7.04 -17.11
CA ASP A 63 8.45 -8.07 -16.59
C ASP A 63 9.93 -7.68 -16.85
N PRO A 64 10.79 -7.75 -15.82
CA PRO A 64 12.20 -7.39 -15.97
C PRO A 64 12.99 -8.29 -16.95
N ASP A 65 12.55 -9.54 -17.16
CA ASP A 65 13.26 -10.45 -18.04
C ASP A 65 12.59 -10.61 -19.40
N ALA A 66 11.26 -10.48 -19.44
CA ALA A 66 10.49 -10.77 -20.65
C ALA A 66 9.61 -9.58 -21.07
N PRO A 67 10.11 -8.72 -21.96
CA PRO A 67 9.41 -7.49 -22.22
C PRO A 67 7.99 -7.65 -22.80
N ASP A 68 7.69 -8.74 -23.50
CA ASP A 68 6.36 -8.89 -24.08
C ASP A 68 5.32 -9.49 -23.10
N ASP A 69 5.76 -9.92 -21.92
CA ASP A 69 4.85 -10.50 -20.94
C ASP A 69 3.82 -9.46 -20.52
N VAL A 70 2.63 -9.93 -20.13
CA VAL A 70 1.55 -9.04 -19.72
C VAL A 70 1.98 -8.37 -18.43
N ALA A 71 1.74 -7.07 -18.37
CA ALA A 71 2.11 -6.25 -17.20
C ALA A 71 1.37 -6.68 -15.92
N ASN A 72 1.96 -6.46 -14.77
CA ASN A 72 1.36 -6.95 -13.52
C ASN A 72 0.11 -6.17 -13.14
N GLY A 73 -0.78 -6.85 -12.47
CA GLY A 73 -1.84 -6.18 -11.70
C GLY A 73 -1.28 -5.76 -10.36
N MET A 74 -2.13 -5.23 -9.49
CA MET A 74 -1.67 -4.77 -8.17
C MET A 74 -1.26 -5.94 -7.30
N PRO A 75 0.02 -5.97 -6.86
CA PRO A 75 0.38 -7.09 -6.00
C PRO A 75 -0.33 -7.04 -4.63
N PRO A 76 -0.36 -8.16 -3.90
CA PRO A 76 -1.04 -8.15 -2.61
C PRO A 76 -0.44 -7.15 -1.63
N ARG A 77 -1.29 -6.36 -0.98
CA ARG A 77 -0.78 -5.41 0.01
CA ARG A 77 -0.87 -5.41 0.05
C ARG A 77 -0.23 -6.13 1.24
N ASP A 78 0.57 -5.41 2.03
CA ASP A 78 1.09 -5.95 3.27
C ASP A 78 -0.10 -6.41 4.13
N GLY A 79 0.03 -7.56 4.74
CA GLY A 79 -1.06 -8.11 5.53
C GLY A 79 -2.05 -8.93 4.72
N GLU A 80 -1.94 -8.92 3.39
CA GLU A 80 -2.75 -9.76 2.51
C GLU A 80 -1.89 -10.64 1.59
N ILE A 81 -0.63 -10.83 1.96
CA ILE A 81 0.30 -11.61 1.17
C ILE A 81 -0.10 -13.09 1.20
N ALA A 82 -0.45 -13.59 2.39
CA ALA A 82 -0.71 -15.02 2.55
C ALA A 82 -1.96 -15.48 1.78
N SER A 83 -2.90 -14.57 1.51
CA SER A 83 -4.09 -14.95 0.74
C SER A 83 -4.00 -14.56 -0.74
N GLY A 84 -2.85 -14.08 -1.16
CA GLY A 84 -2.67 -13.62 -2.53
C GLY A 84 -3.51 -12.41 -2.88
N GLY A 85 -3.77 -11.56 -1.88
CA GLY A 85 -4.69 -10.44 -2.02
C GLY A 85 -6.18 -10.78 -1.94
N ARG A 86 -6.51 -12.06 -1.70
CA ARG A 86 -7.90 -12.52 -1.69
C ARG A 86 -8.47 -12.35 -0.29
N THR A 87 -9.49 -11.49 -0.14
CA THR A 87 -10.07 -11.25 1.17
C THR A 87 -11.61 -11.26 1.22
N ALA A 88 -12.28 -11.63 0.13
CA ALA A 88 -13.76 -11.61 0.10
C ALA A 88 -14.44 -12.85 0.68
N ASP A 89 -13.68 -13.91 0.93
CA ASP A 89 -14.23 -15.16 1.43
C ASP A 89 -13.28 -15.80 2.48
N ALA A 90 -13.40 -17.12 2.72
CA ALA A 90 -12.67 -17.76 3.81
C ALA A 90 -11.15 -17.78 3.61
N ARG A 91 -10.68 -17.49 2.39
CA ARG A 91 -9.24 -17.30 2.15
C ARG A 91 -8.65 -16.19 3.06
N ALA A 92 -9.49 -15.28 3.56
CA ALA A 92 -9.03 -14.24 4.51
C ALA A 92 -8.39 -14.80 5.79
N GLN A 93 -8.81 -15.98 6.22
CA GLN A 93 -8.19 -16.69 7.36
C GLN A 93 -6.66 -16.71 7.26
N LEU A 94 -6.17 -16.84 6.04
CA LEU A 94 -4.74 -17.01 5.81
C LEU A 94 -3.88 -15.85 6.30
N ASN A 95 -4.46 -14.66 6.37
CA ASN A 95 -3.73 -13.44 6.74
C ASN A 95 -3.61 -13.16 8.23
N GLU A 96 -4.24 -13.99 9.05
CA GLU A 96 -4.11 -13.83 10.47
C GLU A 96 -2.64 -13.99 10.90
N PRO A 97 -2.22 -13.20 11.88
CA PRO A 97 -0.87 -13.34 12.40
C PRO A 97 -0.75 -14.61 13.20
N ASP A 98 0.48 -15.08 13.36
CA ASP A 98 0.75 -16.30 14.13
C ASP A 98 0.35 -16.14 15.62
N SER A 99 0.38 -14.92 16.12
CA SER A 99 -0.13 -14.64 17.47
C SER A 99 -1.57 -15.17 17.72
N VAL A 100 -2.35 -15.29 16.66
CA VAL A 100 -3.76 -15.61 16.69
C VAL A 100 -4.05 -16.97 16.03
N ALA A 101 -3.30 -17.32 14.98
CA ALA A 101 -3.57 -18.53 14.19
C ALA A 101 -2.73 -19.73 14.63
N HIS A 102 -1.55 -19.49 15.19
CA HIS A 102 -0.65 -20.58 15.60
C HIS A 102 -0.49 -21.59 14.50
N TRP A 103 -0.01 -21.10 13.35
CA TRP A 103 0.10 -21.91 12.15
C TRP A 103 0.92 -23.14 12.38
N GLN A 104 0.54 -24.24 11.74
CA GLN A 104 1.31 -25.47 11.80
C GLN A 104 2.59 -25.20 11.04
N LYS A 105 3.72 -25.57 11.62
CA LYS A 105 5.03 -25.22 11.08
C LYS A 105 5.86 -26.46 10.82
N HIS A 106 6.48 -26.54 9.65
CA HIS A 106 7.34 -27.67 9.30
C HIS A 106 8.65 -27.60 10.05
N ALA A 107 9.00 -28.69 10.73
CA ALA A 107 10.27 -28.77 11.46
C ALA A 107 11.43 -28.82 10.46
N VAL A 108 12.26 -27.78 10.41
CA VAL A 108 13.40 -27.75 9.48
C VAL A 108 14.70 -27.32 10.17
N ARG A 109 15.79 -27.41 9.44
CA ARG A 109 17.12 -27.08 9.93
C ARG A 109 17.90 -26.23 8.93
N SER A 110 18.75 -25.35 9.46
CA SER A 110 19.65 -24.55 8.62
C SER A 110 20.41 -25.45 7.64
N GLY A 111 20.47 -25.03 6.38
CA GLY A 111 21.21 -25.76 5.34
C GLY A 111 20.46 -26.90 4.65
N GLN A 112 19.39 -27.36 5.29
CA GLN A 112 18.64 -28.52 4.85
C GLN A 112 18.17 -28.45 3.38
N SER A 113 18.39 -29.53 2.63
CA SER A 113 17.84 -29.66 1.27
C SER A 113 16.34 -29.82 1.35
N LEU A 114 15.62 -28.97 0.63
CA LEU A 114 14.18 -28.96 0.71
C LEU A 114 13.65 -29.08 -0.69
N GLN A 115 12.77 -30.07 -0.89
CA GLN A 115 12.14 -30.26 -2.17
C GLN A 115 10.74 -29.63 -2.12
N ILE A 116 10.45 -28.74 -3.05
CA ILE A 116 9.14 -28.12 -3.16
C ILE A 116 8.40 -28.75 -4.34
N SER A 117 7.14 -29.14 -4.12
CA SER A 117 6.31 -29.63 -5.21
C SER A 117 5.08 -28.74 -5.38
N TRP A 118 4.92 -28.22 -6.60
CA TRP A 118 3.66 -27.59 -7.06
C TRP A 118 2.79 -28.55 -7.81
N SER A 119 1.47 -28.48 -7.59
CA SER A 119 0.51 -29.17 -8.42
C SER A 119 -0.48 -28.14 -8.96
N TYR A 120 -1.22 -28.54 -9.98
CA TYR A 120 -1.99 -27.63 -10.80
C TYR A 120 -3.26 -28.28 -11.30
N SER A 121 -4.15 -27.44 -11.76
CA SER A 121 -5.14 -27.84 -12.74
C SER A 121 -5.11 -26.80 -13.88
N MET A 122 -5.02 -27.25 -15.13
CA MET A 122 -4.98 -26.40 -16.31
C MET A 122 -3.90 -25.34 -16.14
N PRO A 123 -2.62 -25.78 -16.03
CA PRO A 123 -1.54 -24.86 -15.69
C PRO A 123 -1.36 -23.74 -16.69
N HIS A 124 -0.98 -22.59 -16.17
CA HIS A 124 -0.71 -21.41 -16.99
C HIS A 124 0.65 -21.44 -17.64
N LYS A 125 0.79 -20.69 -18.74
CA LYS A 125 2.13 -20.32 -19.24
C LYS A 125 2.91 -19.59 -18.15
N THR A 126 4.09 -20.08 -17.80
CA THR A 126 4.82 -19.62 -16.62
C THR A 126 6.11 -18.85 -16.96
N ARG A 127 6.28 -17.66 -16.38
CA ARG A 127 7.54 -16.94 -16.53
C ARG A 127 8.58 -17.41 -15.52
N ARG A 128 8.17 -17.55 -14.26
CA ARG A 128 9.08 -17.96 -13.20
C ARG A 128 8.35 -18.48 -11.95
N TRP A 129 9.15 -19.14 -11.09
CA TRP A 129 8.79 -19.42 -9.73
C TRP A 129 9.86 -18.78 -8.90
N THR A 130 9.48 -18.16 -7.80
CA THR A 130 10.39 -17.44 -6.93
C THR A 130 10.10 -17.89 -5.49
N TYR A 131 11.17 -18.00 -4.70
CA TYR A 131 11.06 -18.38 -3.29
C TYR A 131 11.72 -17.29 -2.44
N TRP A 132 10.93 -16.73 -1.54
CA TRP A 132 11.34 -15.64 -0.65
C TRP A 132 11.35 -16.12 0.78
N ILE A 133 12.28 -15.60 1.57
CA ILE A 133 12.49 -16.07 2.92
C ILE A 133 12.51 -14.86 3.87
N THR A 134 11.91 -15.04 5.04
CA THR A 134 11.87 -14.03 6.06
C THR A 134 13.28 -13.80 6.59
N LYS A 135 13.51 -12.57 7.01
CA LYS A 135 14.79 -12.17 7.56
C LYS A 135 14.96 -12.76 8.97
N PRO A 136 16.23 -13.00 9.37
CA PRO A 136 16.49 -13.28 10.76
C PRO A 136 15.96 -12.09 11.54
N GLY A 137 15.27 -12.32 12.63
CA GLY A 137 14.83 -11.17 13.41
C GLY A 137 13.55 -10.50 12.90
N TRP A 138 12.83 -11.11 11.96
CA TRP A 138 11.51 -10.56 11.60
C TRP A 138 10.54 -10.68 12.75
N ASP A 139 9.61 -9.74 12.84
CA ASP A 139 8.58 -9.73 13.90
C ASP A 139 7.60 -10.87 13.63
N THR A 140 7.88 -12.01 14.20
CA THR A 140 7.19 -13.24 13.81
C THR A 140 5.71 -13.25 14.20
N GLN A 141 5.30 -12.36 15.09
CA GLN A 141 3.91 -12.30 15.53
C GLN A 141 3.04 -11.31 14.72
N ALA A 142 3.61 -10.65 13.72
CA ALA A 142 2.89 -9.66 12.94
C ALA A 142 2.22 -10.28 11.70
N ARG A 143 1.30 -9.56 11.10
CA ARG A 143 0.78 -9.95 9.79
C ARG A 143 1.93 -9.77 8.81
N LEU A 144 2.01 -10.62 7.80
CA LEU A 144 3.16 -10.67 6.90
C LEU A 144 3.23 -9.39 6.10
N ALA A 145 4.44 -8.85 5.97
CA ALA A 145 4.70 -7.58 5.25
C ALA A 145 6.02 -7.70 4.53
N ARG A 146 6.21 -6.85 3.53
CA ARG A 146 7.41 -6.85 2.69
C ARG A 146 8.68 -6.66 3.52
N ALA A 147 8.60 -5.83 4.55
CA ALA A 147 9.71 -5.61 5.52
C ALA A 147 10.21 -6.87 6.25
N HIS A 148 9.41 -7.94 6.26
CA HIS A 148 9.76 -9.18 6.91
C HIS A 148 10.61 -10.07 6.04
N PHE A 149 10.62 -9.83 4.73
CA PHE A 149 11.28 -10.68 3.77
C PHE A 149 12.61 -10.10 3.26
N GLU A 150 13.60 -10.99 3.08
CA GLU A 150 14.86 -10.64 2.45
C GLU A 150 14.61 -10.08 1.05
N PRO A 151 15.26 -8.96 0.71
CA PRO A 151 15.03 -8.34 -0.59
C PRO A 151 15.50 -9.22 -1.76
N ASP A 152 16.46 -10.11 -1.50
CA ASP A 152 16.92 -11.03 -2.52
C ASP A 152 16.22 -12.38 -2.35
N PRO A 153 15.66 -12.91 -3.43
CA PRO A 153 14.98 -14.19 -3.29
C PRO A 153 15.96 -15.28 -2.88
N LEU A 154 15.46 -16.26 -2.12
CA LEU A 154 16.25 -17.43 -1.78
C LEU A 154 16.58 -18.20 -3.05
N LYS A 155 15.60 -18.33 -3.95
CA LYS A 155 15.80 -19.05 -5.20
C LYS A 155 14.81 -18.59 -6.27
N VAL A 156 15.28 -18.53 -7.51
CA VAL A 156 14.43 -18.17 -8.65
C VAL A 156 14.62 -19.26 -9.70
N TYR A 157 13.52 -19.69 -10.32
CA TYR A 157 13.58 -20.52 -11.53
C TYR A 157 12.90 -19.76 -12.66
N LEU A 158 13.70 -19.30 -13.62
CA LEU A 158 13.21 -18.46 -14.70
C LEU A 158 13.08 -19.23 -15.99
N ASN A 159 11.89 -19.20 -16.60
CA ASN A 159 11.70 -19.71 -17.97
C ASN A 159 12.14 -18.62 -18.93
N THR A 160 12.91 -18.98 -19.94
CA THR A 160 13.48 -17.99 -20.85
C THR A 160 12.74 -17.85 -22.18
N TYR A 161 11.78 -18.72 -22.47
CA TYR A 161 11.20 -18.71 -23.81
C TYR A 161 10.33 -17.46 -24.03
N GLN A 162 10.60 -16.73 -25.11
CA GLN A 162 9.89 -15.48 -25.43
C GLN A 162 9.74 -15.31 -26.93
N PRO A 163 8.66 -14.63 -27.40
CA PRO A 163 7.56 -14.12 -26.61
C PRO A 163 6.65 -15.25 -26.14
N TYR A 164 5.75 -14.96 -25.19
CA TYR A 164 4.88 -16.01 -24.66
C TYR A 164 3.89 -16.54 -25.70
N TRP A 165 3.74 -15.85 -26.82
CA TRP A 165 2.90 -16.34 -27.93
C TRP A 165 3.67 -16.98 -29.06
N GLY A 166 4.95 -17.22 -28.85
CA GLY A 166 5.78 -17.84 -29.87
C GLY A 166 5.34 -19.27 -30.16
N PRO A 167 5.75 -19.79 -31.30
CA PRO A 167 5.27 -21.10 -31.73
C PRO A 167 5.53 -22.23 -30.73
N ASP A 168 6.61 -22.18 -29.95
CA ASP A 168 6.94 -23.28 -29.03
C ASP A 168 6.55 -23.00 -27.58
N ALA A 169 5.79 -21.93 -27.36
CA ALA A 169 5.35 -21.50 -26.04
C ALA A 169 4.70 -22.58 -25.13
N ASP A 170 3.81 -23.43 -25.68
CA ASP A 170 3.11 -24.40 -24.80
C ASP A 170 4.09 -25.36 -24.13
N LYS A 171 4.99 -25.93 -24.93
CA LYS A 171 6.03 -26.83 -24.44
C LYS A 171 7.08 -26.15 -23.55
N GLU A 172 7.48 -24.92 -23.90
CA GLU A 172 8.53 -24.22 -23.16
C GLU A 172 8.02 -23.52 -21.91
N LEU A 173 6.75 -23.14 -21.87
CA LEU A 173 6.26 -22.36 -20.72
C LEU A 173 5.23 -23.05 -19.85
N ILE A 174 4.56 -24.09 -20.34
CA ILE A 174 3.45 -24.67 -19.53
C ILE A 174 3.88 -25.97 -18.86
N PRO A 175 3.84 -26.04 -17.52
CA PRO A 175 4.08 -27.31 -16.83
C PRO A 175 3.19 -28.42 -17.38
N GLN A 176 3.76 -29.61 -17.54
CA GLN A 176 3.04 -30.78 -18.00
C GLN A 176 2.72 -31.71 -16.80
N GLY A 177 3.14 -31.30 -15.62
CA GLY A 177 2.91 -32.08 -14.42
C GLY A 177 3.35 -31.26 -13.22
N GLU A 178 3.42 -31.91 -12.07
CA GLU A 178 3.96 -31.29 -10.88
C GLU A 178 5.32 -30.64 -11.18
N THR A 179 5.53 -29.44 -10.66
CA THR A 179 6.82 -28.79 -10.71
C THR A 179 7.58 -29.10 -9.41
N ILE A 180 8.76 -29.69 -9.54
CA ILE A 180 9.58 -30.07 -8.42
C ILE A 180 10.88 -29.24 -8.38
N HIS A 181 11.04 -28.46 -7.32
CA HIS A 181 12.22 -27.61 -7.13
C HIS A 181 12.94 -28.07 -5.91
N GLU A 182 14.25 -27.92 -5.89
CA GLU A 182 15.05 -28.29 -4.71
C GLU A 182 16.12 -27.27 -4.46
N PHE A 183 16.27 -26.85 -3.20
CA PHE A 183 17.34 -25.94 -2.81
C PHE A 183 17.65 -26.11 -1.33
N ASN A 184 18.71 -25.44 -0.87
CA ASN A 184 19.08 -25.51 0.52
C ASN A 184 18.51 -24.33 1.25
N LEU A 185 17.91 -24.61 2.40
CA LEU A 185 17.45 -23.53 3.27
C LEU A 185 18.67 -22.80 3.85
N PRO A 186 18.54 -21.49 4.07
CA PRO A 186 19.63 -20.73 4.67
C PRO A 186 19.71 -20.95 6.19
N THR A 187 20.60 -20.22 6.85
CA THR A 187 20.80 -20.28 8.30
C THR A 187 19.74 -19.45 9.04
N ARG A 188 18.93 -20.10 9.87
CA ARG A 188 17.87 -19.45 10.63
C ARG A 188 17.60 -20.24 11.93
N THR A 189 16.96 -19.58 12.90
CA THR A 189 16.38 -20.25 14.06
C THR A 189 14.93 -19.76 14.25
N GLY A 190 14.08 -20.62 14.80
CA GLY A 190 12.72 -20.24 15.14
C GLY A 190 11.80 -20.17 13.92
N TYR A 191 10.68 -19.47 14.07
CA TYR A 191 9.64 -19.42 13.05
C TYR A 191 10.03 -18.48 11.90
N HIS A 192 9.92 -19.04 10.69
CA HIS A 192 10.18 -18.31 9.47
C HIS A 192 9.17 -18.69 8.41
N VAL A 193 8.98 -17.77 7.47
CA VAL A 193 8.06 -18.02 6.37
C VAL A 193 8.82 -18.10 5.06
N LEU A 194 8.54 -19.16 4.30
CA LEU A 194 8.99 -19.31 2.93
C LEU A 194 7.80 -19.02 2.03
N LEU A 195 7.89 -17.93 1.27
CA LEU A 195 6.84 -17.55 0.36
C LEU A 195 7.19 -18.06 -1.02
N ALA A 196 6.37 -18.97 -1.53
CA ALA A 196 6.58 -19.53 -2.86
C ALA A 196 5.59 -18.84 -3.80
N VAL A 197 6.08 -18.30 -4.93
CA VAL A 197 5.27 -17.52 -5.85
C VAL A 197 5.44 -17.99 -7.30
N TRP A 198 4.32 -18.23 -7.97
CA TRP A 198 4.26 -18.72 -9.34
C TRP A 198 3.75 -17.64 -10.27
N ASP A 199 4.60 -17.09 -11.13
CA ASP A 199 4.29 -15.94 -12.03
C ASP A 199 3.79 -16.42 -13.38
N VAL A 200 2.64 -15.89 -13.79
CA VAL A 200 2.01 -16.25 -15.04
C VAL A 200 2.44 -15.24 -16.12
N ALA A 201 2.94 -15.75 -17.23
CA ALA A 201 3.51 -14.93 -18.29
C ALA A 201 2.49 -14.06 -19.00
N ASP A 202 1.35 -14.64 -19.32
CA ASP A 202 0.33 -13.97 -20.14
C ASP A 202 -0.92 -13.53 -19.37
N THR A 203 -0.77 -13.35 -18.07
CA THR A 203 -1.75 -12.63 -17.28
C THR A 203 -1.07 -11.65 -16.34
N ALA A 204 -1.90 -10.88 -15.67
CA ALA A 204 -1.45 -9.91 -14.70
C ALA A 204 -0.95 -10.50 -13.38
N ASN A 205 -1.12 -11.82 -13.19
CA ASN A 205 -1.13 -12.40 -11.85
C ASN A 205 -0.07 -13.45 -11.55
N ALA A 206 0.05 -13.72 -10.25
CA ALA A 206 0.86 -14.79 -9.70
C ALA A 206 0.05 -15.51 -8.62
N PHE A 207 0.43 -16.75 -8.33
CA PHE A 207 -0.17 -17.51 -7.25
C PHE A 207 0.81 -17.51 -6.07
N TYR A 208 0.26 -17.26 -4.89
CA TYR A 208 1.01 -17.03 -3.66
C TYR A 208 0.79 -18.18 -2.68
N GLN A 209 1.90 -18.84 -2.31
CA GLN A 209 1.87 -19.99 -1.42
C GLN A 209 2.90 -19.85 -0.29
N VAL A 210 2.39 -19.33 0.82
CA VAL A 210 3.13 -19.26 2.07
C VAL A 210 3.29 -20.64 2.71
N ILE A 211 4.51 -20.91 3.18
CA ILE A 211 4.88 -22.17 3.81
C ILE A 211 5.53 -21.81 5.13
N ASP A 212 5.00 -22.39 6.20
CA ASP A 212 5.42 -22.03 7.54
C ASP A 212 6.45 -23.01 8.05
N LEU A 213 7.57 -22.48 8.55
CA LEU A 213 8.75 -23.25 8.91
C LEU A 213 9.18 -22.96 10.36
N ASN A 214 9.67 -24.00 11.04
CA ASN A 214 10.27 -23.87 12.34
C ASN A 214 11.69 -24.44 12.32
N PHE A 215 12.66 -23.54 12.39
CA PHE A 215 14.06 -23.92 12.29
C PHE A 215 14.54 -24.27 13.68
N ALA A 216 15.19 -25.41 13.80
CA ALA A 216 15.90 -25.77 15.03
C ALA A 216 16.81 -24.60 15.48
N PRO B 19 22.93 22.72 6.99
CA PRO B 19 22.04 22.08 6.03
C PRO B 19 22.76 21.88 4.69
N ARG B 20 22.47 20.76 4.04
CA ARG B 20 23.11 20.37 2.78
C ARG B 20 22.05 20.43 1.68
N HIS B 21 22.23 21.33 0.72
CA HIS B 21 21.14 21.77 -0.16
C HIS B 21 21.57 21.78 -1.59
N GLY B 22 20.65 21.43 -2.47
CA GLY B 22 20.87 21.55 -3.90
C GLY B 22 19.57 21.61 -4.66
N ARG B 23 19.52 22.47 -5.68
CA ARG B 23 18.35 22.55 -6.57
C ARG B 23 18.74 23.10 -7.93
N VAL B 24 17.85 22.92 -8.91
CA VAL B 24 18.03 23.55 -10.21
C VAL B 24 17.25 24.85 -10.22
N ILE B 25 18.00 25.95 -10.28
CA ILE B 25 17.39 27.26 -10.21
C ILE B 25 16.91 27.73 -11.59
N THR B 26 17.58 27.30 -12.67
CA THR B 26 17.22 27.73 -14.01
C THR B 26 17.52 26.61 -15.01
N PRO B 27 16.58 26.31 -15.92
CA PRO B 27 15.21 26.75 -15.88
C PRO B 27 14.58 26.25 -14.57
N GLU B 28 13.67 27.03 -14.01
CA GLU B 28 13.12 26.74 -12.70
C GLU B 28 12.60 25.31 -12.65
N SER B 29 13.09 24.53 -11.69
CA SER B 29 12.55 23.19 -11.45
C SER B 29 11.09 23.28 -10.98
N ARG B 30 10.39 22.17 -11.05
CA ARG B 30 9.03 22.11 -10.54
C ARG B 30 8.96 22.56 -9.06
N ALA B 31 9.93 22.15 -8.27
CA ALA B 31 9.99 22.49 -6.85
C ALA B 31 10.27 23.99 -6.65
N VAL B 32 11.12 24.58 -7.49
CA VAL B 32 11.40 26.01 -7.41
C VAL B 32 10.12 26.80 -7.71
N TYR B 33 9.38 26.39 -8.73
CA TYR B 33 8.12 27.07 -9.03
C TYR B 33 7.14 26.98 -7.83
N LEU B 34 7.06 25.81 -7.18
CA LEU B 34 6.18 25.68 -6.01
C LEU B 34 6.65 26.58 -4.85
N TYR B 35 7.97 26.63 -4.67
CA TYR B 35 8.56 27.55 -3.71
C TYR B 35 8.16 28.99 -4.03
N GLU B 36 8.20 29.37 -5.31
CA GLU B 36 7.86 30.74 -5.68
C GLU B 36 6.38 31.02 -5.51
N ALA B 37 5.54 29.99 -5.60
CA ALA B 37 4.10 30.11 -5.28
C ALA B 37 3.77 30.02 -3.78
N GLY B 38 4.79 29.95 -2.92
CA GLY B 38 4.61 29.86 -1.47
C GLY B 38 4.14 28.51 -0.94
N ARG B 39 4.32 27.44 -1.72
CA ARG B 39 3.78 26.12 -1.39
C ARG B 39 4.83 25.14 -0.83
N LEU B 40 6.10 25.51 -0.92
CA LEU B 40 7.20 24.76 -0.33
C LEU B 40 8.13 25.78 0.30
N ASP B 41 8.79 25.43 1.39
CA ASP B 41 9.79 26.34 1.91
C ASP B 41 11.14 26.08 1.23
N PHE B 42 12.10 26.94 1.53
CA PHE B 42 13.39 26.90 0.87
C PHE B 42 14.08 25.58 1.15
N GLY B 43 14.03 25.13 2.42
CA GLY B 43 14.62 23.83 2.78
C GLY B 43 14.05 22.67 1.95
N GLN B 44 12.73 22.64 1.83
CA GLN B 44 12.05 21.56 1.14
C GLN B 44 12.50 21.46 -0.34
N VAL B 45 12.53 22.60 -1.03
CA VAL B 45 12.92 22.62 -2.42
C VAL B 45 14.37 22.11 -2.60
N ASN B 46 15.21 22.36 -1.59
CA ASN B 46 16.63 21.98 -1.64
C ASN B 46 16.95 20.57 -1.11
N GLU B 47 15.92 19.86 -0.63
CA GLU B 47 16.12 18.59 0.09
C GLU B 47 15.25 17.46 -0.50
N LEU B 48 15.19 17.42 -1.82
CA LEU B 48 14.50 16.34 -2.52
C LEU B 48 15.51 15.20 -2.67
N GLU B 49 15.88 14.63 -1.55
CA GLU B 49 17.03 13.74 -1.41
C GLU B 49 16.62 12.29 -1.14
N GLY B 50 17.07 11.38 -1.99
CA GLY B 50 16.67 9.99 -1.99
C GLY B 50 17.82 9.14 -2.43
N GLY B 51 17.65 7.82 -2.41
CA GLY B 51 18.70 6.92 -2.83
C GLY B 51 19.19 7.26 -4.24
N LYS B 52 20.51 7.26 -4.43
CA LYS B 52 21.10 7.50 -5.74
C LYS B 52 21.02 6.24 -6.63
N PHE B 53 21.31 6.45 -7.91
CA PHE B 53 21.39 5.40 -8.97
C PHE B 53 20.06 5.04 -9.60
N PHE B 54 19.10 5.97 -9.56
CA PHE B 54 17.95 5.90 -10.47
C PHE B 54 18.47 5.55 -11.88
N PRO B 55 17.80 4.63 -12.60
CA PRO B 55 16.49 4.04 -12.32
C PRO B 55 16.56 2.67 -11.64
N ALA B 56 17.67 2.34 -10.97
CA ALA B 56 17.72 1.09 -10.20
C ALA B 56 16.60 1.06 -9.15
N THR B 57 16.22 -0.14 -8.75
CA THR B 57 15.19 -0.36 -7.75
C THR B 57 15.70 -1.29 -6.65
N GLN B 58 16.98 -1.17 -6.31
CA GLN B 58 17.53 -1.88 -5.16
CA GLN B 58 17.53 -1.89 -5.17
C GLN B 58 18.59 -0.98 -4.54
N SER B 59 18.92 -1.24 -3.27
CA SER B 59 19.94 -0.51 -2.58
C SER B 59 21.15 -1.42 -2.40
N GLY B 60 22.24 -0.86 -1.90
CA GLY B 60 23.47 -1.61 -1.67
C GLY B 60 24.31 -1.80 -2.93
N LEU B 61 23.93 -1.16 -4.03
CA LEU B 61 24.67 -1.24 -5.29
C LEU B 61 25.91 -0.37 -5.25
N ARG B 62 27.02 -0.85 -5.79
CA ARG B 62 28.23 -0.05 -5.84
C ARG B 62 28.16 0.91 -7.04
N ASP B 63 28.91 2.00 -6.95
CA ASP B 63 28.98 2.94 -8.05
C ASP B 63 29.72 2.30 -9.22
N PRO B 64 29.12 2.34 -10.43
CA PRO B 64 29.75 1.64 -11.55
C PRO B 64 31.10 2.25 -11.98
N ASP B 65 31.32 3.54 -11.69
CA ASP B 65 32.54 4.22 -12.08
C ASP B 65 33.54 4.42 -10.93
N ALA B 66 33.04 4.51 -9.70
CA ALA B 66 33.89 4.74 -8.54
C ALA B 66 33.74 3.64 -7.44
N PRO B 67 34.59 2.61 -7.48
CA PRO B 67 34.35 1.50 -6.53
C PRO B 67 34.35 1.89 -5.05
N ASP B 68 35.03 2.97 -4.66
CA ASP B 68 35.10 3.31 -3.25
C ASP B 68 33.96 4.19 -2.78
N ASP B 69 33.12 4.68 -3.69
CA ASP B 69 32.00 5.54 -3.28
C ASP B 69 31.06 4.71 -2.42
N VAL B 70 30.37 5.40 -1.51
CA VAL B 70 29.35 4.80 -0.66
C VAL B 70 28.22 4.21 -1.52
N ALA B 71 27.81 2.99 -1.19
CA ALA B 71 26.73 2.28 -1.90
C ALA B 71 25.39 3.05 -1.81
N ASN B 72 24.49 2.84 -2.76
CA ASN B 72 23.25 3.62 -2.76
C ASN B 72 22.28 3.15 -1.71
N GLY B 73 21.46 4.07 -1.22
CA GLY B 73 20.21 3.69 -0.51
C GLY B 73 19.15 3.39 -1.56
N MET B 74 17.92 3.11 -1.14
CA MET B 74 16.85 2.77 -2.09
C MET B 74 16.49 3.99 -2.94
N PRO B 75 16.57 3.88 -4.28
CA PRO B 75 16.14 5.04 -5.06
C PRO B 75 14.63 5.29 -4.92
N PRO B 76 14.17 6.51 -5.23
CA PRO B 76 12.75 6.85 -5.05
C PRO B 76 11.84 5.88 -5.80
N ARG B 77 10.75 5.45 -5.17
CA ARG B 77 9.77 4.57 -5.84
C ARG B 77 9.08 5.32 -6.97
N ASP B 78 8.61 4.59 -7.97
CA ASP B 78 7.76 5.16 -9.02
C ASP B 78 6.62 5.90 -8.30
N GLY B 79 6.30 7.08 -8.80
CA GLY B 79 5.28 7.93 -8.22
C GLY B 79 5.81 8.75 -7.06
N GLU B 80 7.09 8.58 -6.72
CA GLU B 80 7.76 9.41 -5.71
C GLU B 80 9.07 10.01 -6.20
N ILE B 81 9.23 10.07 -7.53
CA ILE B 81 10.49 10.51 -8.17
C ILE B 81 10.62 12.05 -8.07
N ALA B 82 9.50 12.74 -8.31
CA ALA B 82 9.48 14.20 -8.28
C ALA B 82 9.82 14.80 -6.90
N SER B 83 9.57 14.05 -5.83
CA SER B 83 9.90 14.50 -4.47
C SER B 83 11.18 13.86 -3.93
N GLY B 84 11.92 13.18 -4.79
CA GLY B 84 13.11 12.44 -4.38
C GLY B 84 12.85 11.44 -3.28
N GLY B 85 11.68 10.81 -3.31
CA GLY B 85 11.28 9.85 -2.29
C GLY B 85 10.71 10.48 -1.01
N ARG B 86 10.61 11.81 -0.95
CA ARG B 86 10.14 12.48 0.27
C ARG B 86 8.65 12.61 0.22
N THR B 87 7.97 11.96 1.17
CA THR B 87 6.51 11.95 1.18
C THR B 87 5.92 12.28 2.56
N ALA B 88 6.77 12.55 3.55
CA ALA B 88 6.29 12.80 4.93
C ALA B 88 5.71 14.23 5.12
N ASP B 89 5.90 15.11 4.14
CA ASP B 89 5.47 16.49 4.28
C ASP B 89 5.02 17.11 2.95
N ALA B 90 4.97 18.44 2.88
CA ALA B 90 4.42 19.15 1.72
C ALA B 90 5.20 18.87 0.43
N ARG B 91 6.38 18.26 0.56
CA ARG B 91 7.13 17.81 -0.61
C ARG B 91 6.35 16.80 -1.44
N ALA B 92 5.41 16.10 -0.79
CA ALA B 92 4.54 15.12 -1.46
C ALA B 92 3.73 15.70 -2.62
N GLN B 93 3.37 16.98 -2.55
CA GLN B 93 2.66 17.72 -3.63
C GLN B 93 3.32 17.55 -4.98
N LEU B 94 4.64 17.47 -4.99
CA LEU B 94 5.40 17.32 -6.24
C LEU B 94 5.02 16.08 -7.06
N ASN B 95 4.56 15.04 -6.38
CA ASN B 95 4.29 13.75 -7.01
C ASN B 95 2.95 13.66 -7.71
N GLU B 96 2.14 14.70 -7.61
CA GLU B 96 0.82 14.69 -8.20
C GLU B 96 0.94 14.66 -9.71
N PRO B 97 0.08 13.87 -10.39
CA PRO B 97 0.18 13.77 -11.84
C PRO B 97 -0.24 15.09 -12.46
N ASP B 98 0.28 15.40 -13.66
CA ASP B 98 -0.06 16.66 -14.36
C ASP B 98 -1.57 16.78 -14.61
N SER B 99 -2.25 15.64 -14.70
CA SER B 99 -3.74 15.62 -14.78
C SER B 99 -4.46 16.31 -13.61
N VAL B 100 -3.83 16.35 -12.44
CA VAL B 100 -4.39 16.97 -11.22
C VAL B 100 -3.67 18.30 -10.90
N ALA B 101 -2.39 18.43 -11.29
CA ALA B 101 -1.55 19.59 -10.87
C ALA B 101 -1.31 20.63 -11.98
N HIS B 102 -1.39 20.22 -13.24
CA HIS B 102 -1.15 21.14 -14.37
C HIS B 102 0.10 21.98 -14.21
N TRP B 103 1.23 21.30 -14.03
CA TRP B 103 2.51 21.96 -13.73
C TRP B 103 2.86 23.02 -14.73
N GLN B 104 3.50 24.09 -14.26
CA GLN B 104 4.03 25.10 -15.16
C GLN B 104 5.16 24.49 -16.00
N LYS B 105 5.11 24.71 -17.31
CA LYS B 105 6.00 24.04 -18.26
C LYS B 105 6.80 25.09 -19.03
N HIS B 106 8.11 24.92 -19.12
CA HIS B 106 8.95 25.81 -19.92
C HIS B 106 8.75 25.54 -21.40
N ALA B 107 8.48 26.57 -22.17
CA ALA B 107 8.33 26.46 -23.62
C ALA B 107 9.72 26.22 -24.21
N VAL B 108 9.89 25.10 -24.92
CA VAL B 108 11.17 24.78 -25.54
C VAL B 108 10.92 24.19 -26.93
N ARG B 109 12.01 23.94 -27.64
CA ARG B 109 11.92 23.36 -28.96
C ARG B 109 12.91 22.22 -29.15
N SER B 110 12.55 21.28 -30.05
CA SER B 110 13.46 20.23 -30.45
C SER B 110 14.84 20.83 -30.84
N GLY B 111 15.89 20.23 -30.31
CA GLY B 111 17.27 20.61 -30.64
C GLY B 111 17.84 21.77 -29.82
N GLN B 112 16.96 22.45 -29.09
CA GLN B 112 17.31 23.70 -28.43
C GLN B 112 18.47 23.55 -27.45
N SER B 113 19.41 24.49 -27.48
CA SER B 113 20.48 24.54 -26.48
C SER B 113 19.83 24.98 -25.18
N LEU B 114 20.08 24.24 -24.12
CA LEU B 114 19.49 24.53 -22.84
C LEU B 114 20.59 24.56 -21.76
N GLN B 115 20.70 25.68 -21.06
CA GLN B 115 21.62 25.83 -19.96
C GLN B 115 20.89 25.51 -18.66
N ILE B 116 21.46 24.60 -17.88
CA ILE B 116 20.92 24.24 -16.57
C ILE B 116 21.85 24.81 -15.53
N SER B 117 21.30 25.45 -14.48
CA SER B 117 22.12 25.90 -13.36
C SER B 117 21.61 25.27 -12.09
N TRP B 118 22.51 24.62 -11.37
CA TRP B 118 22.28 24.21 -9.98
C TRP B 118 22.85 25.24 -9.06
N SER B 119 22.16 25.48 -7.96
CA SER B 119 22.74 26.21 -6.84
C SER B 119 22.65 25.36 -5.59
N TYR B 120 23.42 25.73 -4.57
CA TYR B 120 23.63 24.89 -3.41
C TYR B 120 23.79 25.69 -2.12
N SER B 121 23.69 24.98 -1.01
CA SER B 121 24.28 25.41 0.24
CA SER B 121 24.27 25.41 0.25
C SER B 121 25.12 24.26 0.80
N MET B 122 26.33 24.57 1.23
CA MET B 122 27.21 23.56 1.77
C MET B 122 27.23 22.35 0.84
N PRO B 123 27.64 22.53 -0.45
CA PRO B 123 27.55 21.45 -1.44
C PRO B 123 28.32 20.18 -1.06
N HIS B 124 27.80 19.04 -1.48
CA HIS B 124 28.42 17.72 -1.25
C HIS B 124 29.51 17.39 -2.21
N LYS B 125 30.41 16.48 -1.81
CA LYS B 125 31.31 15.80 -2.76
C LYS B 125 30.45 15.13 -3.83
N THR B 126 30.71 15.42 -5.10
CA THR B 126 29.82 15.01 -6.19
C THR B 126 30.47 13.97 -7.10
N ARG B 127 29.78 12.85 -7.35
CA ARG B 127 30.26 11.87 -8.30
C ARG B 127 29.82 12.24 -9.71
N ARG B 128 28.56 12.60 -9.87
CA ARG B 128 28.04 12.92 -11.20
C ARG B 128 26.77 13.76 -11.12
N TRP B 129 26.45 14.41 -12.24
CA TRP B 129 25.12 14.91 -12.51
C TRP B 129 24.61 14.18 -13.74
N THR B 130 23.35 13.77 -13.69
CA THR B 130 22.71 13.10 -14.81
C THR B 130 21.36 13.74 -15.17
N TYR B 131 21.03 13.67 -16.46
CA TYR B 131 19.84 14.26 -17.04
C TYR B 131 19.09 13.20 -17.86
N TRP B 132 17.87 12.91 -17.44
CA TRP B 132 16.98 11.88 -18.00
C TRP B 132 15.80 12.55 -18.63
N ILE B 133 15.33 12.01 -19.75
CA ILE B 133 14.25 12.64 -20.49
C ILE B 133 13.16 11.61 -20.77
N THR B 134 11.91 12.03 -20.66
CA THR B 134 10.77 11.16 -21.00
C THR B 134 10.75 10.73 -22.47
N LYS B 135 10.22 9.53 -22.73
CA LYS B 135 10.02 8.99 -24.07
C LYS B 135 8.93 9.72 -24.85
N PRO B 136 9.06 9.76 -26.19
CA PRO B 136 7.89 10.13 -26.96
C PRO B 136 6.72 9.19 -26.63
N GLY B 137 5.51 9.73 -26.58
CA GLY B 137 4.34 8.92 -26.29
C GLY B 137 4.11 8.54 -24.83
N TRP B 138 4.92 9.02 -23.89
CA TRP B 138 4.72 8.59 -22.49
C TRP B 138 3.37 9.06 -21.99
N ASP B 139 2.84 8.36 -20.99
CA ASP B 139 1.50 8.69 -20.45
C ASP B 139 1.63 9.91 -19.61
N THR B 140 1.43 11.06 -20.24
CA THR B 140 1.73 12.35 -19.59
C THR B 140 0.85 12.63 -18.40
N GLN B 141 -0.23 11.87 -18.25
CA GLN B 141 -1.19 12.13 -17.19
C GLN B 141 -1.02 11.19 -15.96
N ALA B 142 0.00 10.35 -16.00
CA ALA B 142 0.30 9.41 -14.91
C ALA B 142 1.32 10.01 -13.91
N ARG B 143 1.33 9.49 -12.68
CA ARG B 143 2.41 9.81 -11.75
C ARG B 143 3.70 9.30 -12.39
N LEU B 144 4.80 10.03 -12.17
CA LEU B 144 6.05 9.75 -12.88
C LEU B 144 6.63 8.38 -12.51
N ALA B 145 7.10 7.65 -13.52
CA ALA B 145 7.60 6.30 -13.37
C ALA B 145 8.83 6.08 -14.27
N ARG B 146 9.63 5.08 -13.91
CA ARG B 146 10.83 4.69 -14.65
C ARG B 146 10.47 4.39 -16.11
N ALA B 147 9.34 3.73 -16.33
CA ALA B 147 8.95 3.36 -17.69
C ALA B 147 8.69 4.58 -18.59
N HIS B 148 8.52 5.77 -18.00
CA HIS B 148 8.30 7.00 -18.77
C HIS B 148 9.55 7.57 -19.36
N PHE B 149 10.71 7.19 -18.81
CA PHE B 149 11.98 7.78 -19.17
C PHE B 149 12.80 6.90 -20.14
N GLU B 150 13.53 7.58 -21.02
CA GLU B 150 14.48 6.89 -21.88
C GLU B 150 15.50 6.16 -21.01
N PRO B 151 15.81 4.89 -21.34
CA PRO B 151 16.79 4.14 -20.54
C PRO B 151 18.23 4.73 -20.49
N ASP B 152 18.61 5.49 -21.52
CA ASP B 152 19.91 6.15 -21.47
C ASP B 152 19.73 7.62 -21.12
N PRO B 153 20.61 8.14 -20.26
CA PRO B 153 20.58 9.56 -19.94
C PRO B 153 20.79 10.43 -21.18
N LEU B 154 20.05 11.53 -21.23
CA LEU B 154 20.26 12.53 -22.25
C LEU B 154 21.72 13.08 -22.14
N LYS B 155 22.19 13.26 -20.92
CA LYS B 155 23.54 13.81 -20.69
C LYS B 155 24.02 13.38 -19.31
N VAL B 156 25.30 13.06 -19.20
CA VAL B 156 25.93 12.73 -17.91
C VAL B 156 27.22 13.56 -17.77
N TYR B 157 27.44 14.10 -16.58
CA TYR B 157 28.68 14.79 -16.27
C TYR B 157 29.32 14.05 -15.12
N LEU B 158 30.42 13.35 -15.39
CA LEU B 158 31.02 12.43 -14.41
C LEU B 158 32.30 13.03 -13.86
N ASN B 159 32.41 13.16 -12.52
CA ASN B 159 33.68 13.54 -11.88
C ASN B 159 34.52 12.27 -11.75
N THR B 160 35.80 12.34 -12.07
CA THR B 160 36.64 11.14 -12.09
C THR B 160 37.52 11.00 -10.87
N TYR B 161 37.60 12.04 -10.02
CA TYR B 161 38.54 11.98 -8.89
C TYR B 161 38.15 10.88 -7.88
N GLN B 162 39.11 9.99 -7.64
CA GLN B 162 38.94 8.87 -6.73
C GLN B 162 40.23 8.60 -5.97
N PRO B 163 40.13 8.12 -4.72
CA PRO B 163 38.90 7.94 -3.94
C PRO B 163 38.31 9.26 -3.42
N TYR B 164 37.05 9.24 -2.98
CA TYR B 164 36.40 10.49 -2.50
C TYR B 164 37.10 11.09 -1.26
N TRP B 165 37.95 10.31 -0.58
CA TRP B 165 38.69 10.80 0.58
C TRP B 165 40.12 11.13 0.29
N GLY B 166 40.49 11.13 -0.98
CA GLY B 166 41.85 11.44 -1.36
C GLY B 166 42.21 12.90 -1.08
N PRO B 167 43.51 13.20 -1.07
CA PRO B 167 43.99 14.49 -0.62
C PRO B 167 43.43 15.69 -1.39
N ASP B 168 43.02 15.47 -2.64
CA ASP B 168 42.49 16.55 -3.49
C ASP B 168 40.97 16.51 -3.70
N ALA B 169 40.26 15.72 -2.88
CA ALA B 169 38.81 15.53 -3.03
C ALA B 169 38.01 16.83 -2.97
N ASP B 170 38.35 17.75 -2.07
CA ASP B 170 37.56 18.98 -1.93
C ASP B 170 37.54 19.77 -3.27
N LYS B 171 38.72 20.16 -3.75
CA LYS B 171 38.83 20.85 -5.04
C LYS B 171 38.23 20.06 -6.22
N GLU B 172 38.44 18.75 -6.24
CA GLU B 172 38.05 17.95 -7.40
C GLU B 172 36.60 17.50 -7.39
N LEU B 173 35.97 17.38 -6.21
CA LEU B 173 34.60 16.83 -6.17
C LEU B 173 33.54 17.81 -5.67
N ILE B 174 33.91 18.89 -5.00
CA ILE B 174 32.89 19.77 -4.39
C ILE B 174 32.72 21.06 -5.20
N PRO B 175 31.51 21.32 -5.70
CA PRO B 175 31.22 22.61 -6.32
C PRO B 175 31.61 23.79 -5.43
N GLN B 176 32.22 24.81 -6.04
CA GLN B 176 32.64 26.04 -5.40
C GLN B 176 31.69 27.22 -5.75
N GLY B 177 30.63 26.91 -6.49
CA GLY B 177 29.59 27.86 -6.88
C GLY B 177 28.53 27.13 -7.71
N GLU B 178 27.63 27.88 -8.34
CA GLU B 178 26.63 27.29 -9.23
C GLU B 178 27.30 26.37 -10.25
N THR B 179 26.66 25.23 -10.51
CA THR B 179 27.09 24.31 -11.55
C THR B 179 26.24 24.60 -12.79
N ILE B 180 26.93 24.86 -13.91
CA ILE B 180 26.31 25.24 -15.16
C ILE B 180 26.60 24.20 -16.25
N HIS B 181 25.54 23.62 -16.77
CA HIS B 181 25.63 22.56 -17.78
C HIS B 181 24.89 23.02 -18.98
N GLU B 182 25.28 22.56 -20.17
CA GLU B 182 24.59 22.94 -21.38
C GLU B 182 24.57 21.77 -22.34
N PHE B 183 23.38 21.49 -22.88
CA PHE B 183 23.24 20.44 -23.88
C PHE B 183 22.05 20.77 -24.80
N ASN B 184 21.96 20.03 -25.90
CA ASN B 184 20.82 20.18 -26.80
C ASN B 184 19.71 19.23 -26.42
N LEU B 185 18.48 19.75 -26.40
CA LEU B 185 17.33 18.90 -26.16
C LEU B 185 17.10 18.03 -27.41
N PRO B 186 16.56 16.80 -27.21
CA PRO B 186 16.30 15.93 -28.34
C PRO B 186 15.01 16.36 -29.06
N THR B 187 14.58 15.56 -30.03
CA THR B 187 13.35 15.85 -30.77
C THR B 187 12.13 15.29 -30.01
N ARG B 188 11.20 16.19 -29.72
CA ARG B 188 10.01 15.90 -28.90
C ARG B 188 8.90 16.84 -29.30
N THR B 189 7.67 16.45 -29.00
CA THR B 189 6.53 17.34 -29.09
C THR B 189 5.70 17.22 -27.80
N GLY B 190 5.13 18.33 -27.37
CA GLY B 190 4.24 18.31 -26.20
C GLY B 190 4.98 18.25 -24.87
N TYR B 191 4.27 17.74 -23.86
CA TYR B 191 4.76 17.76 -22.48
C TYR B 191 5.75 16.63 -22.22
N HIS B 192 6.89 17.01 -21.65
CA HIS B 192 7.97 16.12 -21.31
C HIS B 192 8.63 16.54 -20.03
N VAL B 193 9.27 15.59 -19.37
CA VAL B 193 9.90 15.86 -18.10
C VAL B 193 11.37 15.59 -18.29
N LEU B 194 12.18 16.54 -17.83
CA LEU B 194 13.62 16.40 -17.77
C LEU B 194 13.95 16.24 -16.31
N LEU B 195 14.54 15.11 -15.95
CA LEU B 195 14.87 14.83 -14.56
C LEU B 195 16.37 15.05 -14.42
N ALA B 196 16.72 16.06 -13.61
CA ALA B 196 18.10 16.39 -13.29
C ALA B 196 18.44 15.74 -11.93
N VAL B 197 19.54 15.01 -11.86
CA VAL B 197 19.87 14.24 -10.66
C VAL B 197 21.30 14.48 -10.29
N TRP B 198 21.54 14.78 -9.01
CA TRP B 198 22.87 15.13 -8.50
C TRP B 198 23.30 14.07 -7.52
N ASP B 199 24.32 13.28 -7.86
CA ASP B 199 24.72 12.09 -7.07
C ASP B 199 25.86 12.48 -6.11
N VAL B 200 25.70 12.13 -4.84
CA VAL B 200 26.69 12.44 -3.81
C VAL B 200 27.64 11.24 -3.65
N ALA B 201 28.94 11.49 -3.72
CA ALA B 201 29.94 10.43 -3.72
C ALA B 201 30.03 9.70 -2.40
N ASP B 202 29.94 10.43 -1.31
CA ASP B 202 30.21 9.87 0.02
C ASP B 202 28.97 9.70 0.91
N THR B 203 27.80 9.64 0.27
CA THR B 203 26.57 9.23 0.95
C THR B 203 25.76 8.29 0.06
N ALA B 204 24.65 7.81 0.60
CA ALA B 204 23.77 6.88 -0.11
C ALA B 204 22.88 7.56 -1.16
N ASN B 205 22.93 8.89 -1.22
CA ASN B 205 21.85 9.68 -1.82
C ASN B 205 22.18 10.56 -3.04
N ALA B 206 21.10 10.97 -3.70
CA ALA B 206 21.11 11.94 -4.80
C ALA B 206 19.97 12.93 -4.56
N PHE B 207 20.11 14.10 -5.16
CA PHE B 207 19.06 15.11 -5.17
C PHE B 207 18.34 15.10 -6.53
N TYR B 208 17.01 15.06 -6.50
CA TYR B 208 16.16 14.88 -7.68
C TYR B 208 15.39 16.16 -8.02
N GLN B 209 15.60 16.67 -9.22
CA GLN B 209 15.00 17.93 -9.66
C GLN B 209 14.32 17.75 -11.00
N VAL B 210 13.01 17.52 -10.96
CA VAL B 210 12.21 17.41 -12.18
CA VAL B 210 12.20 17.43 -12.18
C VAL B 210 12.00 18.81 -12.77
N ILE B 211 12.15 18.95 -14.08
CA ILE B 211 11.91 20.20 -14.81
C ILE B 211 10.83 19.91 -15.86
N ASP B 212 9.73 20.67 -15.81
CA ASP B 212 8.64 20.47 -16.75
C ASP B 212 8.81 21.26 -18.04
N LEU B 213 8.71 20.55 -19.16
CA LEU B 213 8.95 21.12 -20.49
C LEU B 213 7.75 20.94 -21.42
N ASN B 214 7.46 21.96 -22.21
CA ASN B 214 6.49 21.83 -23.27
C ASN B 214 7.15 22.09 -24.59
N PHE B 215 7.33 21.04 -25.38
CA PHE B 215 7.96 21.18 -26.69
C PHE B 215 6.93 21.59 -27.73
N ALA B 216 7.31 22.56 -28.57
CA ALA B 216 6.50 22.94 -29.73
C ALA B 216 6.10 21.71 -30.55
N VAL C 24 -16.48 -11.83 -36.47
CA VAL C 24 -16.74 -10.74 -35.44
C VAL C 24 -17.00 -9.36 -36.07
N ILE C 25 -16.06 -8.96 -36.93
CA ILE C 25 -16.10 -7.66 -37.58
C ILE C 25 -15.26 -7.78 -38.85
N THR C 26 -15.75 -7.17 -39.92
CA THR C 26 -15.00 -6.89 -41.15
C THR C 26 -15.21 -5.41 -41.39
N PRO C 27 -14.16 -4.67 -41.80
CA PRO C 27 -12.79 -5.11 -41.98
C PRO C 27 -12.18 -5.59 -40.68
N GLU C 28 -11.23 -6.50 -40.79
CA GLU C 28 -10.68 -7.14 -39.61
C GLU C 28 -10.19 -6.09 -38.62
N SER C 29 -10.72 -6.14 -37.40
CA SER C 29 -10.23 -5.34 -36.31
C SER C 29 -8.86 -5.86 -35.84
N ARG C 30 -8.26 -5.08 -34.98
CA ARG C 30 -6.98 -5.40 -34.39
C ARG C 30 -7.05 -6.71 -33.62
N ALA C 31 -8.10 -6.87 -32.82
CA ALA C 31 -8.31 -8.11 -32.07
C ALA C 31 -8.53 -9.31 -32.99
N VAL C 32 -9.27 -9.11 -34.09
CA VAL C 32 -9.48 -10.20 -35.06
C VAL C 32 -8.15 -10.69 -35.66
N TYR C 33 -7.30 -9.77 -36.06
CA TYR C 33 -5.94 -10.13 -36.53
C TYR C 33 -5.11 -10.88 -35.48
N LEU C 34 -5.18 -10.45 -34.22
CA LEU C 34 -4.50 -11.19 -33.15
C LEU C 34 -5.11 -12.60 -33.04
N TYR C 35 -6.43 -12.69 -33.10
CA TYR C 35 -7.09 -14.00 -33.05
C TYR C 35 -6.58 -14.89 -34.19
N GLU C 36 -6.42 -14.31 -35.39
CA GLU C 36 -5.95 -15.08 -36.54
C GLU C 36 -4.51 -15.53 -36.41
N ALA C 37 -3.67 -14.72 -35.76
CA ALA C 37 -2.30 -15.09 -35.45
C ALA C 37 -2.20 -16.06 -34.22
N GLY C 38 -3.34 -16.53 -33.71
CA GLY C 38 -3.36 -17.44 -32.57
C GLY C 38 -3.02 -16.78 -31.23
N ARG C 39 -3.12 -15.45 -31.14
CA ARG C 39 -2.67 -14.75 -29.92
C ARG C 39 -3.81 -14.30 -29.00
N LEU C 40 -5.06 -14.41 -29.45
CA LEU C 40 -6.20 -14.25 -28.57
C LEU C 40 -7.14 -15.36 -28.90
N ASP C 41 -7.84 -15.89 -27.90
CA ASP C 41 -8.88 -16.88 -28.14
C ASP C 41 -10.19 -16.19 -28.56
N PHE C 42 -11.11 -16.98 -29.11
CA PHE C 42 -12.35 -16.45 -29.63
C PHE C 42 -13.12 -15.69 -28.54
N GLY C 43 -13.08 -16.22 -27.32
CA GLY C 43 -13.73 -15.56 -26.18
C GLY C 43 -13.19 -14.16 -25.95
N GLN C 44 -11.86 -14.04 -25.94
CA GLN C 44 -11.18 -12.75 -25.73
C GLN C 44 -11.55 -11.69 -26.78
N VAL C 45 -11.49 -12.08 -28.06
CA VAL C 45 -11.85 -11.20 -29.18
C VAL C 45 -13.26 -10.61 -29.05
N ASN C 46 -14.17 -11.43 -28.52
CA ASN C 46 -15.56 -11.07 -28.28
C ASN C 46 -15.91 -10.47 -26.91
N GLU C 47 -14.92 -10.23 -26.05
CA GLU C 47 -15.18 -9.65 -24.72
C GLU C 47 -14.26 -8.45 -24.44
N LEU C 48 -14.20 -7.53 -25.39
CA LEU C 48 -13.46 -6.29 -25.20
C LEU C 48 -14.50 -5.30 -24.69
N GLU C 49 -14.94 -5.60 -23.47
CA GLU C 49 -16.11 -5.03 -22.86
C GLU C 49 -15.70 -4.15 -21.69
N GLY C 50 -16.09 -2.88 -21.78
CA GLY C 50 -15.87 -1.89 -20.72
C GLY C 50 -17.08 -0.97 -20.63
N GLY C 51 -16.98 0.04 -19.78
CA GLY C 51 -18.10 0.95 -19.55
C GLY C 51 -18.41 1.68 -20.83
N LYS C 52 -19.70 1.87 -21.07
CA LYS C 52 -20.19 2.50 -22.28
C LYS C 52 -20.12 4.03 -22.19
N PHE C 53 -20.41 4.68 -23.32
CA PHE C 53 -20.45 6.15 -23.49
C PHE C 53 -19.06 6.82 -23.60
N PHE C 54 -18.09 6.07 -24.14
CA PHE C 54 -16.85 6.70 -24.57
C PHE C 54 -17.24 7.93 -25.42
N PRO C 55 -16.52 9.06 -25.28
CA PRO C 55 -15.29 9.37 -24.54
C PRO C 55 -15.48 9.91 -23.14
N ALA C 56 -16.66 9.73 -22.57
CA ALA C 56 -16.86 10.08 -21.17
C ALA C 56 -15.79 9.37 -20.31
N THR C 57 -15.41 9.99 -19.21
CA THR C 57 -14.49 9.40 -18.26
C THR C 57 -15.21 8.87 -16.99
N GLN C 58 -16.46 9.27 -16.78
CA GLN C 58 -17.17 9.00 -15.55
C GLN C 58 -18.17 7.87 -15.73
N SER C 59 -18.45 7.18 -14.63
CA SER C 59 -19.51 6.15 -14.60
C SER C 59 -20.79 6.75 -13.97
N GLY C 60 -21.87 6.00 -13.98
CA GLY C 60 -23.17 6.47 -13.44
C GLY C 60 -23.90 7.51 -14.31
N LEU C 61 -23.51 7.61 -15.58
CA LEU C 61 -24.10 8.58 -16.48
C LEU C 61 -25.32 7.98 -17.14
N ARG C 62 -26.31 8.80 -17.45
CA ARG C 62 -27.51 8.32 -18.13
C ARG C 62 -27.31 8.34 -19.62
N ASP C 63 -28.03 7.46 -20.31
CA ASP C 63 -27.98 7.50 -21.76
C ASP C 63 -28.60 8.82 -22.25
N PRO C 64 -27.99 9.50 -23.24
CA PRO C 64 -28.55 10.78 -23.69
C PRO C 64 -29.83 10.69 -24.53
N ASP C 65 -30.09 9.52 -25.13
CA ASP C 65 -31.30 9.32 -25.95
C ASP C 65 -32.35 8.44 -25.25
N ALA C 66 -31.91 7.53 -24.40
CA ALA C 66 -32.81 6.55 -23.80
C ALA C 66 -32.74 6.62 -22.26
N PRO C 67 -33.57 7.47 -21.65
CA PRO C 67 -33.53 7.70 -20.20
C PRO C 67 -33.56 6.43 -19.32
N ASP C 68 -34.28 5.38 -19.72
CA ASP C 68 -34.40 4.16 -18.88
C ASP C 68 -33.27 3.13 -19.07
N ASP C 69 -32.40 3.34 -20.05
CA ASP C 69 -31.25 2.47 -20.24
C ASP C 69 -30.36 2.47 -18.97
N VAL C 70 -29.71 1.34 -18.71
CA VAL C 70 -28.85 1.18 -17.56
C VAL C 70 -27.72 2.18 -17.67
N ALA C 71 -27.36 2.81 -16.55
CA ALA C 71 -26.29 3.81 -16.53
C ALA C 71 -24.94 3.15 -16.81
N ASN C 72 -23.97 3.88 -17.33
CA ASN C 72 -22.70 3.28 -17.70
C ASN C 72 -21.84 2.92 -16.47
N GLY C 73 -20.98 1.93 -16.63
CA GLY C 73 -19.86 1.74 -15.73
C GLY C 73 -18.69 2.59 -16.21
N MET C 74 -17.52 2.38 -15.61
CA MET C 74 -16.35 3.19 -15.93
C MET C 74 -15.88 2.90 -17.35
N PRO C 75 -15.93 3.91 -18.23
CA PRO C 75 -15.39 3.60 -19.56
C PRO C 75 -13.88 3.29 -19.50
N PRO C 76 -13.35 2.65 -20.54
CA PRO C 76 -11.90 2.36 -20.57
C PRO C 76 -11.02 3.59 -20.34
N ARG C 77 -10.03 3.47 -19.49
CA ARG C 77 -9.08 4.57 -19.29
C ARG C 77 -8.28 4.81 -20.57
N ASP C 78 -7.77 6.04 -20.73
CA ASP C 78 -6.77 6.34 -21.76
C ASP C 78 -5.65 5.33 -21.62
N GLY C 79 -5.19 4.79 -22.74
CA GLY C 79 -4.19 3.72 -22.77
C GLY C 79 -4.76 2.31 -22.70
N GLU C 80 -6.06 2.20 -22.42
CA GLU C 80 -6.73 0.91 -22.32
C GLU C 80 -7.96 0.84 -23.19
N ILE C 81 -8.07 1.76 -24.14
CA ILE C 81 -9.23 1.83 -25.04
C ILE C 81 -9.31 0.60 -25.99
N ALA C 82 -8.18 0.22 -26.58
CA ALA C 82 -8.12 -0.88 -27.54
C ALA C 82 -8.49 -2.26 -26.96
N SER C 83 -8.34 -2.45 -25.64
CA SER C 83 -8.72 -3.72 -25.00
C SER C 83 -10.09 -3.63 -24.31
N GLY C 84 -10.82 -2.53 -24.53
CA GLY C 84 -12.11 -2.36 -23.90
C GLY C 84 -11.96 -2.22 -22.38
N GLY C 85 -10.82 -1.70 -21.94
CA GLY C 85 -10.52 -1.61 -20.53
C GLY C 85 -10.00 -2.90 -19.88
N ARG C 86 -9.84 -3.96 -20.66
CA ARG C 86 -9.44 -5.29 -20.12
C ARG C 86 -7.93 -5.45 -20.09
N THR C 87 -7.37 -5.62 -18.89
CA THR C 87 -5.90 -5.69 -18.78
C THR C 87 -5.37 -6.88 -17.98
N ALA C 88 -6.27 -7.72 -17.48
CA ALA C 88 -5.86 -8.85 -16.64
C ALA C 88 -5.21 -10.01 -17.42
N ASP C 89 -5.47 -10.09 -18.72
CA ASP C 89 -4.96 -11.21 -19.53
C ASP C 89 -4.36 -10.75 -20.88
N ALA C 90 -4.22 -11.68 -21.82
CA ALA C 90 -3.59 -11.40 -23.10
C ALA C 90 -4.33 -10.33 -23.92
N ARG C 91 -5.56 -10.00 -23.54
CA ARG C 91 -6.22 -8.83 -24.14
C ARG C 91 -5.37 -7.56 -24.00
N ALA C 92 -4.48 -7.53 -22.99
CA ALA C 92 -3.64 -6.34 -22.76
C ALA C 92 -2.72 -6.04 -23.95
N GLN C 93 -2.42 -7.05 -24.79
CA GLN C 93 -1.58 -6.83 -26.00
C GLN C 93 -2.12 -5.70 -26.88
N LEU C 94 -3.44 -5.66 -26.99
CA LEU C 94 -4.11 -4.72 -27.83
C LEU C 94 -3.72 -3.24 -27.56
N ASN C 95 -3.33 -2.92 -26.33
CA ASN C 95 -3.04 -1.54 -25.96
C ASN C 95 -1.63 -1.05 -26.33
N GLU C 96 -0.75 -1.95 -26.74
CA GLU C 96 0.60 -1.53 -27.14
C GLU C 96 0.55 -0.45 -28.21
N PRO C 97 1.47 0.52 -28.15
CA PRO C 97 1.52 1.50 -29.23
C PRO C 97 2.05 0.89 -30.52
N ASP C 98 1.73 1.56 -31.64
CA ASP C 98 2.12 1.04 -32.95
C ASP C 98 3.64 0.91 -33.11
N SER C 99 4.40 1.76 -32.41
CA SER C 99 5.88 1.66 -32.42
C SER C 99 6.40 0.34 -31.83
N VAL C 100 5.61 -0.30 -30.97
CA VAL C 100 5.94 -1.61 -30.37
C VAL C 100 5.33 -2.76 -31.19
N ALA C 101 4.12 -2.55 -31.70
CA ALA C 101 3.28 -3.61 -32.24
C ALA C 101 3.20 -3.65 -33.76
N HIS C 102 3.44 -2.52 -34.42
CA HIS C 102 3.33 -2.44 -35.87
C HIS C 102 2.09 -3.10 -36.36
N TRP C 103 0.96 -2.60 -35.88
CA TRP C 103 -0.33 -3.19 -36.18
C TRP C 103 -0.58 -3.31 -37.65
N GLN C 104 -1.22 -4.41 -38.06
CA GLN C 104 -1.61 -4.55 -39.47
C GLN C 104 -2.66 -3.50 -39.81
N LYS C 105 -2.41 -2.73 -40.88
CA LYS C 105 -3.27 -1.59 -41.26
C LYS C 105 -3.90 -1.85 -42.61
N HIS C 106 -5.19 -1.54 -42.70
CA HIS C 106 -5.93 -1.63 -43.95
C HIS C 106 -5.63 -0.43 -44.81
N ALA C 107 -5.23 -0.68 -46.06
CA ALA C 107 -5.02 0.37 -47.05
C ALA C 107 -6.36 1.00 -47.45
N VAL C 108 -6.50 2.29 -47.17
CA VAL C 108 -7.69 3.04 -47.53
C VAL C 108 -7.32 4.39 -48.13
N ARG C 109 -8.32 5.12 -48.59
CA ARG C 109 -8.09 6.49 -49.04
C ARG C 109 -9.17 7.44 -48.59
N SER C 110 -8.86 8.72 -48.65
CA SER C 110 -9.82 9.75 -48.26
C SER C 110 -11.12 9.59 -49.07
N GLY C 111 -12.25 9.66 -48.39
CA GLY C 111 -13.56 9.56 -49.04
C GLY C 111 -14.10 8.16 -49.25
N GLN C 112 -13.22 7.17 -49.20
CA GLN C 112 -13.56 5.78 -49.52
C GLN C 112 -14.77 5.28 -48.73
N SER C 113 -15.69 4.64 -49.45
CA SER C 113 -16.82 3.98 -48.82
C SER C 113 -16.31 2.78 -48.06
N LEU C 114 -16.68 2.70 -46.79
CA LEU C 114 -16.28 1.62 -45.94
C LEU C 114 -17.52 0.93 -45.42
N GLN C 115 -17.59 -0.38 -45.62
CA GLN C 115 -18.67 -1.17 -45.08
C GLN C 115 -18.14 -1.88 -43.83
N ILE C 116 -18.87 -1.74 -42.72
CA ILE C 116 -18.51 -2.41 -41.47
C ILE C 116 -19.53 -3.51 -41.25
N SER C 117 -19.06 -4.75 -41.05
CA SER C 117 -19.96 -5.87 -40.75
C SER C 117 -19.65 -6.45 -39.41
N TRP C 118 -20.63 -6.40 -38.52
CA TRP C 118 -20.52 -7.00 -37.21
C TRP C 118 -21.14 -8.35 -37.19
N SER C 119 -20.44 -9.25 -36.49
CA SER C 119 -20.94 -10.58 -36.15
C SER C 119 -20.88 -10.67 -34.61
N TYR C 120 -21.89 -11.29 -34.02
CA TYR C 120 -21.98 -11.32 -32.55
C TYR C 120 -21.93 -12.77 -32.11
N SER C 121 -21.47 -13.01 -30.89
CA SER C 121 -21.44 -14.36 -30.33
C SER C 121 -22.54 -14.56 -29.28
N MET C 122 -23.33 -13.51 -29.03
CA MET C 122 -24.48 -13.62 -28.13
C MET C 122 -25.50 -12.47 -28.36
N PRO C 123 -26.76 -12.66 -27.94
CA PRO C 123 -27.77 -11.60 -28.05
C PRO C 123 -27.57 -10.48 -27.02
N HIS C 124 -27.58 -9.24 -27.49
CA HIS C 124 -27.59 -8.07 -26.60
C HIS C 124 -28.60 -7.07 -27.12
N LYS C 125 -29.42 -6.53 -26.21
CA LYS C 125 -30.25 -5.38 -26.53
C LYS C 125 -29.30 -4.20 -26.78
N THR C 126 -29.32 -3.68 -27.99
CA THR C 126 -28.33 -2.73 -28.44
C THR C 126 -28.94 -1.33 -28.59
N ARG C 127 -28.37 -0.35 -27.91
CA ARG C 127 -28.83 1.04 -28.02
C ARG C 127 -28.25 1.74 -29.24
N ARG C 128 -26.96 1.58 -29.45
CA ARG C 128 -26.32 2.28 -30.54
C ARG C 128 -24.98 1.69 -30.94
N TRP C 129 -24.55 2.07 -32.13
CA TRP C 129 -23.18 1.83 -32.60
C TRP C 129 -22.60 3.17 -32.97
N THR C 130 -21.37 3.43 -32.57
CA THR C 130 -20.68 4.69 -32.85
CA THR C 130 -20.69 4.69 -32.88
C THR C 130 -19.30 4.40 -33.44
N TYR C 131 -18.89 5.20 -34.41
CA TYR C 131 -17.59 5.08 -35.06
C TYR C 131 -16.82 6.39 -34.81
N TRP C 132 -15.66 6.27 -34.18
CA TRP C 132 -14.79 7.41 -33.91
C TRP C 132 -13.55 7.31 -34.74
N ILE C 133 -13.00 8.45 -35.15
CA ILE C 133 -11.79 8.43 -35.99
C ILE C 133 -10.72 9.38 -35.40
N THR C 134 -9.44 9.01 -35.53
CA THR C 134 -8.35 9.80 -34.98
C THR C 134 -8.18 11.13 -35.70
N LYS C 135 -7.63 12.12 -35.00
CA LYS C 135 -7.41 13.44 -35.59
C LYS C 135 -6.18 13.42 -36.48
N PRO C 136 -6.11 14.32 -37.47
CA PRO C 136 -4.85 14.51 -38.18
C PRO C 136 -3.73 14.85 -37.19
N GLY C 137 -2.56 14.27 -37.39
CA GLY C 137 -1.43 14.59 -36.53
C GLY C 137 -1.48 14.06 -35.10
N TRP C 138 -2.36 13.09 -34.81
CA TRP C 138 -2.38 12.48 -33.47
C TRP C 138 -1.07 11.79 -33.18
N ASP C 139 -0.70 11.69 -31.91
CA ASP C 139 0.63 11.12 -31.57
C ASP C 139 0.64 9.58 -31.68
N THR C 140 1.11 9.09 -32.83
CA THR C 140 1.11 7.65 -33.09
C THR C 140 2.09 6.84 -32.20
N GLN C 141 2.98 7.53 -31.49
CA GLN C 141 3.90 6.88 -30.55
C GLN C 141 3.23 6.58 -29.19
N ALA C 142 2.06 7.16 -28.97
CA ALA C 142 1.38 7.00 -27.69
C ALA C 142 0.37 5.87 -27.76
N ARG C 143 0.02 5.32 -26.61
CA ARG C 143 -1.12 4.42 -26.52
C ARG C 143 -2.36 5.26 -26.74
N LEU C 144 -3.41 4.63 -27.26
CA LEU C 144 -4.63 5.36 -27.63
C LEU C 144 -5.31 6.07 -26.45
N ALA C 145 -5.70 7.33 -26.70
CA ALA C 145 -6.25 8.21 -25.67
C ALA C 145 -7.33 9.06 -26.30
N ARG C 146 -8.24 9.57 -25.47
CA ARG C 146 -9.35 10.40 -25.93
C ARG C 146 -8.88 11.57 -26.79
N ALA C 147 -7.75 12.18 -26.40
CA ALA C 147 -7.17 13.34 -27.08
C ALA C 147 -6.79 13.06 -28.55
N HIS C 148 -6.69 11.78 -28.89
CA HIS C 148 -6.36 11.37 -30.21
C HIS C 148 -7.53 11.38 -31.15
N PHE C 149 -8.75 11.35 -30.61
CA PHE C 149 -9.94 11.18 -31.41
C PHE C 149 -10.71 12.48 -31.63
N GLU C 150 -11.27 12.61 -32.82
CA GLU C 150 -12.12 13.74 -33.12
C GLU C 150 -13.29 13.69 -32.14
N PRO C 151 -13.71 14.85 -31.60
CA PRO C 151 -14.72 14.86 -30.54
C PRO C 151 -16.14 14.53 -31.04
N ASP C 152 -16.40 14.75 -32.32
CA ASP C 152 -17.64 14.30 -32.96
C ASP C 152 -17.43 12.93 -33.61
N PRO C 153 -18.37 12.01 -33.41
CA PRO C 153 -18.23 10.72 -34.06
C PRO C 153 -18.30 10.82 -35.59
N LEU C 154 -17.67 9.89 -36.30
CA LEU C 154 -17.76 9.89 -37.74
C LEU C 154 -19.17 9.47 -38.17
N LYS C 155 -19.73 8.51 -37.45
CA LYS C 155 -21.10 8.05 -37.74
C LYS C 155 -21.69 7.43 -36.50
N VAL C 156 -22.99 7.65 -36.32
CA VAL C 156 -23.75 7.03 -35.23
C VAL C 156 -25.00 6.36 -35.80
N TYR C 157 -25.29 5.14 -35.33
CA TYR C 157 -26.53 4.40 -35.66
C TYR C 157 -27.26 4.15 -34.35
N LEU C 158 -28.46 4.73 -34.21
CA LEU C 158 -29.20 4.73 -32.92
C LEU C 158 -30.46 3.88 -33.08
N ASN C 159 -30.64 2.89 -32.21
CA ASN C 159 -31.93 2.22 -32.09
C ASN C 159 -32.81 3.07 -31.19
N THR C 160 -34.07 3.21 -31.55
CA THR C 160 -34.95 4.12 -30.83
C THR C 160 -35.94 3.44 -29.92
N TYR C 161 -36.10 2.12 -30.00
CA TYR C 161 -37.13 1.49 -29.17
C TYR C 161 -36.85 1.61 -27.66
N GLN C 162 -37.88 2.06 -26.93
CA GLN C 162 -37.77 2.29 -25.49
C GLN C 162 -39.13 2.05 -24.81
N PRO C 163 -39.13 1.64 -23.53
CA PRO C 163 -37.96 1.29 -22.74
C PRO C 163 -37.38 -0.07 -23.18
N TYR C 164 -36.15 -0.38 -22.76
CA TYR C 164 -35.53 -1.65 -23.20
C TYR C 164 -36.27 -2.92 -22.71
N TRP C 165 -37.13 -2.77 -21.69
CA TRP C 165 -37.99 -3.87 -21.24
C TRP C 165 -39.38 -3.84 -21.86
N GLY C 166 -39.64 -2.96 -22.80
CA GLY C 166 -40.96 -2.94 -23.45
C GLY C 166 -41.23 -4.25 -24.17
N PRO C 167 -42.52 -4.52 -24.49
CA PRO C 167 -42.91 -5.82 -25.03
C PRO C 167 -42.25 -6.24 -26.34
N ASP C 168 -41.76 -5.29 -27.13
CA ASP C 168 -41.19 -5.61 -28.44
C ASP C 168 -39.66 -5.41 -28.47
N ALA C 169 -39.05 -5.36 -27.29
CA ALA C 169 -37.63 -5.04 -27.13
C ALA C 169 -36.72 -6.04 -27.85
N ASP C 170 -37.12 -7.31 -27.88
CA ASP C 170 -36.26 -8.33 -28.47
C ASP C 170 -36.09 -8.10 -29.93
N LYS C 171 -37.20 -7.99 -30.65
CA LYS C 171 -37.18 -7.76 -32.07
C LYS C 171 -36.61 -6.38 -32.41
N GLU C 172 -36.83 -5.38 -31.56
CA GLU C 172 -36.46 -4.03 -31.92
C GLU C 172 -35.05 -3.64 -31.49
N LEU C 173 -34.49 -4.31 -30.47
CA LEU C 173 -33.16 -3.97 -29.96
C LEU C 173 -32.06 -5.01 -30.17
N ILE C 174 -32.43 -6.29 -30.29
CA ILE C 174 -31.44 -7.35 -30.45
C ILE C 174 -31.18 -7.56 -31.94
N PRO C 175 -29.93 -7.41 -32.40
CA PRO C 175 -29.66 -7.58 -33.83
C PRO C 175 -30.07 -8.96 -34.33
N GLN C 176 -30.73 -9.03 -35.48
CA GLN C 176 -31.08 -10.30 -36.10
C GLN C 176 -30.04 -10.57 -37.22
N GLY C 177 -29.06 -11.42 -36.94
CA GLY C 177 -27.96 -11.67 -37.87
C GLY C 177 -26.96 -10.51 -37.90
N GLU C 178 -26.43 -10.24 -39.08
CA GLU C 178 -25.32 -9.31 -39.23
C GLU C 178 -25.83 -7.88 -39.20
N THR C 179 -25.07 -7.01 -38.54
CA THR C 179 -25.30 -5.57 -38.62
C THR C 179 -24.33 -5.03 -39.66
N ILE C 180 -24.85 -4.39 -40.70
CA ILE C 180 -24.04 -3.83 -41.78
C ILE C 180 -24.20 -2.32 -41.83
N HIS C 181 -23.09 -1.63 -41.63
CA HIS C 181 -23.06 -0.17 -41.67
C HIS C 181 -22.16 0.25 -42.79
N GLU C 182 -22.49 1.37 -43.42
CA GLU C 182 -21.69 1.92 -44.52
C GLU C 182 -21.55 3.44 -44.38
N PHE C 183 -20.33 3.94 -44.48
CA PHE C 183 -20.05 5.37 -44.47
C PHE C 183 -18.77 5.70 -45.24
N ASN C 184 -18.57 6.98 -45.52
CA ASN C 184 -17.37 7.45 -46.21
C ASN C 184 -16.31 7.84 -45.17
N LEU C 185 -15.07 7.44 -45.42
CA LEU C 185 -13.97 7.92 -44.59
C LEU C 185 -13.70 9.38 -44.88
N PRO C 186 -13.32 10.15 -43.85
CA PRO C 186 -12.95 11.54 -44.07
C PRO C 186 -11.57 11.69 -44.73
N THR C 187 -11.12 12.93 -44.88
CA THR C 187 -9.82 13.22 -45.47
C THR C 187 -8.72 13.00 -44.43
N ARG C 188 -7.80 12.09 -44.74
CA ARG C 188 -6.71 11.73 -43.86
C ARG C 188 -5.52 11.30 -44.69
N THR C 189 -4.35 11.35 -44.05
CA THR C 189 -3.15 10.74 -44.60
C THR C 189 -2.48 9.92 -43.53
N GLY C 190 -1.87 8.82 -43.94
CA GLY C 190 -1.07 7.99 -43.05
C GLY C 190 -1.90 7.18 -42.06
N TYR C 191 -1.29 6.84 -40.92
CA TYR C 191 -1.85 5.92 -39.93
C TYR C 191 -2.95 6.58 -39.10
N HIS C 192 -4.14 5.97 -39.13
CA HIS C 192 -5.24 6.40 -38.28
C HIS C 192 -5.99 5.22 -37.72
N VAL C 193 -6.75 5.48 -36.66
CA VAL C 193 -7.52 4.44 -35.98
C VAL C 193 -9.00 4.81 -36.05
N LEU C 194 -9.80 3.84 -36.48
CA LEU C 194 -11.27 3.85 -36.43
C LEU C 194 -11.70 2.98 -35.24
N LEU C 195 -12.27 3.61 -34.21
CA LEU C 195 -12.80 2.92 -33.04
C LEU C 195 -14.29 2.66 -33.23
N ALA C 196 -14.66 1.38 -33.24
CA ALA C 196 -16.05 0.96 -33.46
C ALA C 196 -16.57 0.46 -32.13
N VAL C 197 -17.67 1.07 -31.65
CA VAL C 197 -18.20 0.84 -30.31
C VAL C 197 -19.68 0.49 -30.39
N TRP C 198 -20.10 -0.49 -29.60
CA TRP C 198 -21.46 -0.99 -29.60
C TRP C 198 -21.96 -0.95 -28.17
N ASP C 199 -22.98 -0.11 -27.92
CA ASP C 199 -23.54 0.12 -26.58
C ASP C 199 -24.71 -0.83 -26.25
N VAL C 200 -24.65 -1.46 -25.08
CA VAL C 200 -25.69 -2.40 -24.62
C VAL C 200 -26.68 -1.63 -23.75
N ALA C 201 -27.96 -1.69 -24.12
CA ALA C 201 -28.97 -0.85 -23.49
C ALA C 201 -29.24 -1.23 -22.04
N ASP C 202 -29.15 -2.52 -21.75
CA ASP C 202 -29.55 -3.07 -20.45
C ASP C 202 -28.39 -3.50 -19.55
N THR C 203 -27.17 -3.07 -19.88
CA THR C 203 -25.98 -3.25 -19.02
C THR C 203 -25.18 -1.95 -18.99
N ALA C 204 -24.15 -1.94 -18.15
CA ALA C 204 -23.27 -0.81 -17.94
C ALA C 204 -22.29 -0.58 -19.09
N ASN C 205 -22.29 -1.48 -20.07
CA ASN C 205 -21.12 -1.70 -20.90
C ASN C 205 -21.32 -1.52 -22.40
N ALA C 206 -20.20 -1.34 -23.09
CA ALA C 206 -20.09 -1.33 -24.53
C ALA C 206 -18.97 -2.28 -24.93
N PHE C 207 -19.00 -2.73 -26.18
CA PHE C 207 -17.89 -3.49 -26.75
C PHE C 207 -17.08 -2.63 -27.70
N TYR C 208 -15.76 -2.75 -27.61
CA TYR C 208 -14.82 -1.87 -28.29
C TYR C 208 -14.00 -2.66 -29.33
N GLN C 209 -14.00 -2.19 -30.57
CA GLN C 209 -13.20 -2.83 -31.63
C GLN C 209 -12.44 -1.74 -32.37
N VAL C 210 -11.12 -1.88 -32.44
CA VAL C 210 -10.25 -0.87 -33.08
C VAL C 210 -9.83 -1.39 -34.44
N ILE C 211 -9.97 -0.54 -35.47
CA ILE C 211 -9.59 -0.87 -36.83
C ILE C 211 -8.48 0.09 -37.26
N ASP C 212 -7.33 -0.51 -37.60
CA ASP C 212 -6.12 0.20 -37.98
C ASP C 212 -6.17 0.50 -39.47
N LEU C 213 -6.02 1.78 -39.82
CA LEU C 213 -6.10 2.23 -41.20
C LEU C 213 -4.80 2.91 -41.65
N ASN C 214 -4.45 2.71 -42.90
CA ASN C 214 -3.42 3.50 -43.52
C ASN C 214 -3.93 4.21 -44.74
N PHE C 215 -4.07 5.53 -44.62
CA PHE C 215 -4.55 6.36 -45.72
C PHE C 215 -3.42 6.70 -46.65
N ALA C 216 -3.71 6.53 -47.95
CA ALA C 216 -2.88 7.00 -49.05
C ALA C 216 -2.59 8.50 -48.91
N ILE D 17 13.68 30.51 21.68
CA ILE D 17 13.80 29.82 23.01
C ILE D 17 12.69 28.76 23.12
N SER D 18 13.04 27.58 23.58
CA SER D 18 12.06 26.52 23.77
C SER D 18 11.80 26.42 25.26
N PRO D 19 10.55 26.16 25.63
CA PRO D 19 10.17 26.18 27.05
C PRO D 19 10.70 24.99 27.84
N ARG D 20 11.13 25.24 29.08
CA ARG D 20 11.61 24.19 29.98
C ARG D 20 10.45 23.57 30.79
N HIS D 21 9.32 24.29 30.92
CA HIS D 21 8.14 23.80 31.63
C HIS D 21 6.90 24.46 31.08
N GLY D 22 5.71 23.97 31.46
CA GLY D 22 4.45 24.54 30.96
C GLY D 22 3.31 23.54 30.83
N ARG D 23 2.10 24.06 30.62
CA ARG D 23 0.90 23.23 30.44
C ARG D 23 0.82 22.86 28.95
N VAL D 24 0.54 21.60 28.68
CA VAL D 24 0.37 21.11 27.31
C VAL D 24 -1.09 20.76 27.03
N ILE D 25 -1.68 19.94 27.90
CA ILE D 25 -3.07 19.49 27.74
C ILE D 25 -3.66 19.28 29.12
N THR D 26 -4.93 19.67 29.28
CA THR D 26 -5.75 19.42 30.45
C THR D 26 -7.09 18.78 30.00
N PRO D 27 -7.56 17.73 30.72
CA PRO D 27 -6.95 17.00 31.83
C PRO D 27 -5.57 16.46 31.47
N GLU D 28 -4.70 16.34 32.48
CA GLU D 28 -3.34 15.86 32.27
C GLU D 28 -3.36 14.52 31.55
N SER D 29 -2.61 14.43 30.47
CA SER D 29 -2.51 13.20 29.74
C SER D 29 -1.47 12.30 30.46
N ARG D 30 -1.35 11.07 29.99
CA ARG D 30 -0.35 10.12 30.50
C ARG D 30 1.08 10.69 30.36
N ALA D 31 1.38 11.32 29.22
CA ALA D 31 2.70 11.89 28.97
C ALA D 31 3.00 13.06 29.95
N VAL D 32 2.00 13.88 30.23
CA VAL D 32 2.14 14.97 31.22
C VAL D 32 2.47 14.41 32.59
N TYR D 33 1.74 13.38 33.01
CA TYR D 33 2.00 12.72 34.29
C TYR D 33 3.40 12.12 34.34
N LEU D 34 3.85 11.51 33.24
CA LEU D 34 5.21 10.97 33.18
C LEU D 34 6.25 12.07 33.36
N TYR D 35 6.06 13.20 32.68
CA TYR D 35 6.95 14.32 32.81
C TYR D 35 6.93 14.82 34.27
N GLU D 36 5.75 14.96 34.86
CA GLU D 36 5.65 15.43 36.23
C GLU D 36 6.35 14.52 37.24
N ALA D 37 6.37 13.21 36.96
CA ALA D 37 7.10 12.23 37.78
C ALA D 37 8.61 12.21 37.49
N GLY D 38 9.10 13.15 36.69
CA GLY D 38 10.52 13.22 36.38
C GLY D 38 11.00 12.15 35.42
N ARG D 39 10.08 11.55 34.64
CA ARG D 39 10.42 10.38 33.81
C ARG D 39 10.46 10.67 32.30
N LEU D 40 10.15 11.91 31.89
CA LEU D 40 10.13 12.28 30.49
C LEU D 40 10.53 13.74 30.41
N ASP D 41 11.46 14.06 29.52
CA ASP D 41 11.84 15.47 29.33
C ASP D 41 10.62 16.22 28.86
N PHE D 42 10.46 17.45 29.32
CA PHE D 42 9.34 18.28 28.92
C PHE D 42 9.19 18.37 27.40
N GLY D 43 10.32 18.47 26.69
CA GLY D 43 10.33 18.52 25.22
C GLY D 43 9.60 17.39 24.49
N GLN D 44 9.53 16.21 25.12
CA GLN D 44 8.93 14.95 24.58
CA GLN D 44 8.87 15.06 24.46
C GLN D 44 7.41 14.82 24.87
N VAL D 45 6.89 15.64 25.79
CA VAL D 45 5.50 15.52 26.28
C VAL D 45 4.49 15.59 25.12
N ASN D 46 4.76 16.33 24.06
CA ASN D 46 3.84 16.38 22.94
C ASN D 46 4.52 16.02 21.61
N GLU D 47 5.45 15.07 21.67
CA GLU D 47 6.13 14.56 20.47
C GLU D 47 5.80 13.06 20.31
N LEU D 48 4.54 12.69 20.60
CA LEU D 48 4.06 11.34 20.35
C LEU D 48 3.43 11.37 18.96
N GLU D 49 4.33 11.53 17.99
CA GLU D 49 3.99 11.82 16.59
C GLU D 49 4.16 10.55 15.76
N GLY D 50 3.05 10.11 15.19
CA GLY D 50 3.11 9.02 14.24
C GLY D 50 2.15 9.24 13.10
N GLY D 51 2.00 8.21 12.28
CA GLY D 51 1.11 8.30 11.14
C GLY D 51 -0.30 8.61 11.56
N LYS D 52 -0.95 9.46 10.78
CA LYS D 52 -2.33 9.84 11.01
C LYS D 52 -3.32 8.80 10.42
N PHE D 53 -4.59 8.96 10.75
CA PHE D 53 -5.71 8.12 10.30
C PHE D 53 -5.77 6.81 11.07
N PHE D 54 -5.32 6.84 12.32
CA PHE D 54 -5.70 5.77 13.25
C PHE D 54 -7.24 5.61 13.13
N PRO D 55 -7.76 4.38 13.11
CA PRO D 55 -7.13 3.08 13.32
C PRO D 55 -6.70 2.37 12.04
N ALA D 56 -6.46 3.12 10.96
CA ALA D 56 -6.00 2.48 9.71
C ALA D 56 -4.68 1.73 10.00
N THR D 57 -4.39 0.71 9.18
CA THR D 57 -3.11 0.00 9.27
C THR D 57 -2.42 -0.02 7.92
N GLN D 58 -2.68 1.02 7.14
CA GLN D 58 -2.08 1.24 5.83
C GLN D 58 -1.59 2.67 5.82
N SER D 59 -0.49 2.92 5.12
CA SER D 59 -0.04 4.28 4.77
C SER D 59 -0.40 4.58 3.31
N GLY D 60 -0.26 5.84 2.92
CA GLY D 60 -0.54 6.26 1.56
C GLY D 60 -2.01 6.50 1.30
N LEU D 61 -2.84 6.51 2.34
CA LEU D 61 -4.26 6.79 2.21
C LEU D 61 -4.52 8.29 2.14
N ARG D 62 -5.47 8.68 1.29
CA ARG D 62 -5.95 10.05 1.21
C ARG D 62 -6.89 10.40 2.33
N ASP D 63 -6.89 11.67 2.71
CA ASP D 63 -7.80 12.12 3.71
C ASP D 63 -9.20 12.04 3.14
N PRO D 64 -10.14 11.45 3.90
CA PRO D 64 -11.48 11.22 3.35
C PRO D 64 -12.27 12.52 3.14
N ASP D 65 -11.91 13.59 3.86
CA ASP D 65 -12.58 14.86 3.74
C ASP D 65 -11.83 15.87 2.90
N ALA D 66 -10.50 15.81 2.82
CA ALA D 66 -9.72 16.86 2.19
C ALA D 66 -8.78 16.25 1.16
N PRO D 67 -9.23 16.14 -0.11
CA PRO D 67 -8.48 15.31 -1.07
C PRO D 67 -7.04 15.76 -1.33
N ASP D 68 -6.75 17.06 -1.13
CA ASP D 68 -5.38 17.57 -1.35
C ASP D 68 -4.43 17.42 -0.17
N ASP D 69 -4.92 17.02 1.02
CA ASP D 69 -4.03 16.82 2.15
C ASP D 69 -2.99 15.74 1.87
N VAL D 70 -1.85 15.85 2.55
CA VAL D 70 -0.75 14.91 2.44
C VAL D 70 -1.23 13.56 2.94
N ALA D 71 -0.94 12.49 2.18
CA ALA D 71 -1.35 11.12 2.53
C ALA D 71 -0.71 10.69 3.85
N ASN D 72 -1.34 9.74 4.55
CA ASN D 72 -0.81 9.34 5.84
C ASN D 72 0.45 8.47 5.72
N GLY D 73 1.28 8.54 6.75
CA GLY D 73 2.27 7.51 7.01
C GLY D 73 1.61 6.41 7.80
N MET D 74 2.36 5.35 8.07
CA MET D 74 1.81 4.20 8.81
C MET D 74 1.35 4.61 10.21
N PRO D 75 0.09 4.36 10.59
CA PRO D 75 -0.30 4.70 11.97
C PRO D 75 0.41 3.85 13.00
N PRO D 76 0.35 4.25 14.28
CA PRO D 76 1.06 3.42 15.25
C PRO D 76 0.49 2.01 15.29
N ARG D 77 1.39 1.03 15.32
CA ARG D 77 1.02 -0.37 15.52
C ARG D 77 0.37 -0.60 16.90
N ASP D 78 -0.48 -1.63 16.98
CA ASP D 78 -1.04 -2.07 18.25
C ASP D 78 0.10 -2.26 19.24
N GLY D 79 -0.13 -1.84 20.46
CA GLY D 79 0.88 -1.89 21.51
C GLY D 79 1.83 -0.71 21.48
N GLU D 80 1.71 0.17 20.48
CA GLU D 80 2.58 1.36 20.39
C GLU D 80 1.77 2.65 20.15
N ILE D 81 0.48 2.57 20.45
CA ILE D 81 -0.46 3.64 20.21
C ILE D 81 -0.20 4.83 21.15
N ALA D 82 -0.03 4.53 22.44
CA ALA D 82 0.17 5.59 23.45
C ALA D 82 1.39 6.46 23.18
N SER D 83 2.45 5.90 22.61
CA SER D 83 3.64 6.69 22.30
C SER D 83 3.66 7.24 20.88
N GLY D 84 2.53 7.16 20.17
CA GLY D 84 2.46 7.62 18.80
C GLY D 84 3.44 6.89 17.90
N GLY D 85 3.70 5.63 18.23
CA GLY D 85 4.66 4.78 17.51
C GLY D 85 6.11 5.06 17.80
N ARG D 86 6.40 5.86 18.84
CA ARG D 86 7.78 6.23 19.15
C ARG D 86 8.28 5.27 20.19
N THR D 87 9.34 4.55 19.87
CA THR D 87 9.82 3.42 20.68
C THR D 87 11.34 3.44 20.91
N ALA D 88 12.06 4.40 20.31
CA ALA D 88 13.52 4.47 20.39
C ALA D 88 14.07 5.04 21.70
N ASP D 89 13.24 5.72 22.49
CA ASP D 89 13.68 6.42 23.71
C ASP D 89 12.66 6.29 24.86
N ALA D 90 12.79 7.14 25.88
CA ALA D 90 11.91 7.07 27.06
C ALA D 90 10.42 7.26 26.75
N ARG D 91 10.07 7.83 25.59
CA ARG D 91 8.65 7.85 25.18
C ARG D 91 8.02 6.43 25.17
N ALA D 92 8.84 5.40 24.99
CA ALA D 92 8.36 4.00 25.02
C ALA D 92 7.66 3.61 26.32
N GLN D 93 8.02 4.26 27.43
CA GLN D 93 7.37 4.02 28.74
C GLN D 93 5.85 4.08 28.66
N LEU D 94 5.36 4.96 27.80
CA LEU D 94 3.91 5.15 27.66
C LEU D 94 3.16 3.92 27.19
N ASN D 95 3.84 3.01 26.49
CA ASN D 95 3.17 1.84 25.92
C ASN D 95 2.95 0.72 26.93
N GLU D 96 3.53 0.85 28.12
CA GLU D 96 3.36 -0.18 29.13
C GLU D 96 1.89 -0.37 29.48
N PRO D 97 1.47 -1.63 29.61
CA PRO D 97 0.10 -1.91 30.05
C PRO D 97 -0.16 -1.46 31.48
N ASP D 98 -1.42 -1.26 31.83
CA ASP D 98 -1.78 -0.80 33.15
C ASP D 98 -1.48 -1.82 34.25
N SER D 99 -1.37 -3.09 33.87
CA SER D 99 -1.04 -4.17 34.83
C SER D 99 0.36 -4.01 35.40
N VAL D 100 1.20 -3.30 34.67
CA VAL D 100 2.60 -3.05 35.02
C VAL D 100 2.83 -1.57 35.39
N ALA D 101 2.08 -0.64 34.79
CA ALA D 101 2.34 0.79 34.99
C ALA D 101 1.40 1.45 36.02
N HIS D 102 0.18 0.96 36.17
CA HIS D 102 -0.78 1.55 37.14
C HIS D 102 -0.94 3.04 36.92
N TRP D 103 -1.32 3.39 35.70
CA TRP D 103 -1.38 4.79 35.26
C TRP D 103 -2.28 5.57 36.16
N GLN D 104 -1.97 6.84 36.37
CA GLN D 104 -2.85 7.71 37.13
C GLN D 104 -4.11 8.03 36.32
N LYS D 105 -5.27 7.77 36.90
CA LYS D 105 -6.54 7.84 36.22
C LYS D 105 -7.37 9.00 36.78
N HIS D 106 -8.02 9.74 35.89
CA HIS D 106 -8.97 10.78 36.30
C HIS D 106 -10.33 10.21 36.66
N ALA D 107 -10.83 10.61 37.82
CA ALA D 107 -12.14 10.15 38.31
C ALA D 107 -13.24 10.83 37.53
N VAL D 108 -13.98 10.05 36.75
CA VAL D 108 -15.11 10.59 36.00
C VAL D 108 -16.38 9.76 36.21
N ARG D 109 -17.49 10.27 35.66
CA ARG D 109 -18.78 9.60 35.72
C ARG D 109 -19.43 9.54 34.33
N SER D 110 -20.25 8.52 34.12
CA SER D 110 -21.02 8.39 32.90
C SER D 110 -21.77 9.70 32.61
N GLY D 111 -21.71 10.20 31.38
CA GLY D 111 -22.44 11.42 30.99
C GLY D 111 -21.66 12.71 31.29
N GLN D 112 -20.64 12.62 32.14
CA GLN D 112 -19.94 13.80 32.62
C GLN D 112 -19.46 14.73 31.49
N SER D 113 -19.60 16.04 31.70
CA SER D 113 -19.04 17.02 30.77
C SER D 113 -17.54 17.07 30.98
N LEU D 114 -16.80 16.98 29.88
CA LEU D 114 -15.36 17.03 29.93
C LEU D 114 -14.87 18.11 28.97
N GLN D 115 -13.99 18.96 29.46
CA GLN D 115 -13.33 19.91 28.61
C GLN D 115 -11.89 19.48 28.37
N ILE D 116 -11.50 19.39 27.11
CA ILE D 116 -10.11 19.18 26.71
C ILE D 116 -9.55 20.51 26.23
N SER D 117 -8.46 20.94 26.86
CA SER D 117 -7.81 22.20 26.51
C SER D 117 -6.35 21.98 26.17
N TRP D 118 -6.00 22.24 24.92
CA TRP D 118 -4.64 22.16 24.43
C TRP D 118 -4.06 23.55 24.45
N SER D 119 -2.86 23.71 24.98
CA SER D 119 -2.21 25.03 24.97
C SER D 119 -1.90 25.48 23.53
N TYR D 120 -1.64 26.77 23.38
CA TYR D 120 -1.25 27.36 22.09
C TYR D 120 0.24 27.07 21.82
N SER D 121 0.54 25.81 21.56
CA SER D 121 1.91 25.37 21.41
C SER D 121 2.08 24.43 20.23
N MET D 122 1.06 24.33 19.37
CA MET D 122 1.06 23.38 18.24
CA MET D 122 1.07 23.40 18.24
C MET D 122 0.73 24.15 16.96
N PRO D 123 1.77 24.74 16.32
CA PRO D 123 1.54 25.65 15.19
C PRO D 123 1.33 24.89 13.88
N HIS D 124 0.45 23.88 13.89
CA HIS D 124 0.29 23.01 12.72
C HIS D 124 -0.98 23.31 12.01
N LYS D 125 -0.92 23.24 10.69
CA LYS D 125 -2.13 23.20 9.86
C LYS D 125 -2.87 21.89 10.19
N THR D 126 -4.04 22.03 10.80
CA THR D 126 -4.72 20.91 11.42
C THR D 126 -5.97 20.58 10.64
N ARG D 127 -6.06 19.33 10.21
CA ARG D 127 -7.25 18.89 9.50
C ARG D 127 -8.35 18.55 10.49
N ARG D 128 -8.01 17.85 11.57
CA ARG D 128 -9.03 17.42 12.53
C ARG D 128 -8.47 16.97 13.89
N TRP D 129 -9.37 16.93 14.86
CA TRP D 129 -9.11 16.34 16.15
C TRP D 129 -10.13 15.26 16.34
N THR D 130 -9.65 14.08 16.74
CA THR D 130 -10.53 12.95 16.97
C THR D 130 -10.34 12.41 18.36
N TYR D 131 -11.45 12.13 19.06
CA TYR D 131 -11.38 11.54 20.39
C TYR D 131 -12.01 10.16 20.35
N TRP D 132 -11.19 9.14 20.63
CA TRP D 132 -11.64 7.75 20.69
C TRP D 132 -11.76 7.29 22.10
N ILE D 133 -12.68 6.36 22.36
CA ILE D 133 -12.91 5.86 23.73
C ILE D 133 -12.93 4.34 23.72
N THR D 134 -12.45 3.71 24.79
CA THR D 134 -12.40 2.25 24.85
C THR D 134 -13.81 1.63 24.99
N LYS D 135 -13.98 0.41 24.54
CA LYS D 135 -15.26 -0.31 24.62
C LYS D 135 -15.51 -0.76 26.03
N PRO D 136 -16.79 -0.93 26.40
CA PRO D 136 -17.09 -1.69 27.62
C PRO D 136 -16.46 -3.10 27.57
N GLY D 137 -15.88 -3.55 28.67
CA GLY D 137 -15.28 -4.90 28.70
C GLY D 137 -13.97 -5.06 27.94
N TRP D 138 -13.33 -3.97 27.52
CA TRP D 138 -11.98 -4.13 26.93
C TRP D 138 -11.04 -4.71 27.97
N ASP D 139 -9.97 -5.34 27.49
CA ASP D 139 -8.98 -5.96 28.38
C ASP D 139 -8.08 -4.88 28.97
N THR D 140 -8.45 -4.39 30.14
CA THR D 140 -7.74 -3.29 30.78
C THR D 140 -6.31 -3.62 31.19
N GLN D 141 -5.95 -4.90 31.14
CA GLN D 141 -4.61 -5.31 31.52
C GLN D 141 -3.63 -5.37 30.36
N ALA D 142 -4.11 -5.21 29.12
CA ALA D 142 -3.26 -5.38 27.94
C ALA D 142 -2.69 -4.04 27.44
N ARG D 143 -1.63 -4.10 26.64
CA ARG D 143 -1.15 -2.93 25.90
C ARG D 143 -2.25 -2.49 24.94
N LEU D 144 -2.36 -1.18 24.71
CA LEU D 144 -3.47 -0.63 23.93
C LEU D 144 -3.41 -1.17 22.52
N ALA D 145 -4.59 -1.43 21.97
CA ALA D 145 -4.77 -2.05 20.66
C ALA D 145 -6.09 -1.55 20.04
N ARG D 146 -6.17 -1.58 18.71
CA ARG D 146 -7.36 -1.12 17.99
C ARG D 146 -8.61 -1.83 18.47
N ALA D 147 -8.51 -3.15 18.73
CA ALA D 147 -9.64 -3.93 19.21
C ALA D 147 -10.26 -3.38 20.50
N HIS D 148 -9.50 -2.60 21.27
CA HIS D 148 -9.99 -2.00 22.51
C HIS D 148 -10.86 -0.77 22.34
N PHE D 149 -10.79 -0.14 21.17
CA PHE D 149 -11.51 1.12 20.94
C PHE D 149 -12.82 0.95 20.19
N GLU D 150 -13.81 1.79 20.50
CA GLU D 150 -15.06 1.79 19.73
C GLU D 150 -14.72 2.21 18.30
N PRO D 151 -15.33 1.55 17.29
CA PRO D 151 -15.04 1.90 15.91
C PRO D 151 -15.44 3.31 15.51
N ASP D 152 -16.44 3.88 16.18
CA ASP D 152 -16.83 5.25 15.92
C ASP D 152 -16.22 6.16 16.98
N PRO D 153 -15.61 7.27 16.55
CA PRO D 153 -15.06 8.17 17.57
C PRO D 153 -16.14 8.75 18.47
N LEU D 154 -15.78 9.02 19.71
CA LEU D 154 -16.66 9.71 20.61
C LEU D 154 -16.98 11.11 20.07
N LYS D 155 -15.96 11.77 19.50
CA LYS D 155 -16.13 13.14 19.03
C LYS D 155 -15.05 13.47 17.99
N VAL D 156 -15.49 14.18 16.95
CA VAL D 156 -14.61 14.66 15.90
C VAL D 156 -14.87 16.13 15.65
N TYR D 157 -13.79 16.89 15.50
CA TYR D 157 -13.82 18.30 15.12
C TYR D 157 -13.02 18.41 13.83
N LEU D 158 -13.66 18.84 12.76
CA LEU D 158 -13.09 18.82 11.42
C LEU D 158 -12.93 20.25 10.94
N ASN D 159 -11.72 20.66 10.63
CA ASN D 159 -11.49 21.93 9.93
C ASN D 159 -11.82 21.75 8.44
N THR D 160 -12.42 22.75 7.82
CA THR D 160 -12.87 22.57 6.44
C THR D 160 -12.05 23.32 5.41
N TYR D 161 -11.11 24.17 5.83
CA TYR D 161 -10.42 25.01 4.85
C TYR D 161 -9.54 24.13 3.93
N GLN D 162 -9.74 24.26 2.63
CA GLN D 162 -8.99 23.52 1.62
C GLN D 162 -8.74 24.37 0.38
N PRO D 163 -7.62 24.13 -0.30
CA PRO D 163 -6.51 23.24 0.03
C PRO D 163 -5.66 23.81 1.15
N TYR D 164 -4.82 22.98 1.75
CA TYR D 164 -3.98 23.43 2.89
C TYR D 164 -2.96 24.48 2.48
N TRP D 165 -2.69 24.61 1.20
CA TRP D 165 -1.85 25.68 0.67
C TRP D 165 -2.57 26.93 0.23
N GLY D 166 -3.89 27.00 0.38
CA GLY D 166 -4.66 28.16 -0.04
C GLY D 166 -4.23 29.40 0.71
N PRO D 167 -4.61 30.58 0.22
CA PRO D 167 -4.01 31.81 0.75
C PRO D 167 -4.34 32.11 2.20
N ASP D 168 -5.42 31.52 2.74
CA ASP D 168 -5.89 31.82 4.09
C ASP D 168 -5.61 30.66 5.07
N ALA D 169 -4.75 29.74 4.67
CA ALA D 169 -4.55 28.49 5.38
C ALA D 169 -3.99 28.71 6.77
N ASP D 170 -3.11 29.69 6.97
CA ASP D 170 -2.51 29.89 8.29
C ASP D 170 -3.62 30.19 9.30
N LYS D 171 -4.46 31.16 8.97
CA LYS D 171 -5.51 31.60 9.86
C LYS D 171 -6.60 30.55 10.01
N GLU D 172 -6.88 29.77 8.95
CA GLU D 172 -8.05 28.86 8.98
C GLU D 172 -7.70 27.45 9.47
N LEU D 173 -6.44 27.05 9.33
CA LEU D 173 -6.03 25.69 9.74
C LEU D 173 -5.12 25.66 10.95
N ILE D 174 -4.32 26.70 11.18
CA ILE D 174 -3.44 26.67 12.36
C ILE D 174 -4.21 27.27 13.52
N PRO D 175 -4.19 26.60 14.68
CA PRO D 175 -4.87 27.21 15.82
C PRO D 175 -4.45 28.65 16.02
N GLN D 176 -5.38 29.48 16.47
CA GLN D 176 -5.08 30.88 16.76
C GLN D 176 -5.18 31.18 18.26
N GLY D 177 -5.02 30.13 19.05
CA GLY D 177 -5.05 30.24 20.50
C GLY D 177 -5.12 28.85 21.10
N GLU D 178 -5.52 28.76 22.37
CA GLU D 178 -5.82 27.47 22.99
C GLU D 178 -6.90 26.76 22.16
N THR D 179 -6.83 25.44 22.05
CA THR D 179 -7.87 24.69 21.40
C THR D 179 -8.65 24.02 22.50
N ILE D 180 -9.92 24.41 22.64
CA ILE D 180 -10.79 23.93 23.72
C ILE D 180 -11.99 23.16 23.16
N HIS D 181 -12.10 21.89 23.52
CA HIS D 181 -13.18 21.02 23.07
C HIS D 181 -13.95 20.52 24.26
N GLU D 182 -15.26 20.45 24.14
CA GLU D 182 -16.13 20.08 25.25
C GLU D 182 -17.14 19.05 24.77
N PHE D 183 -17.23 17.92 25.47
CA PHE D 183 -18.20 16.89 25.12
C PHE D 183 -18.56 16.09 26.36
N ASN D 184 -19.59 15.24 26.24
CA ASN D 184 -20.02 14.41 27.33
C ASN D 184 -19.45 13.00 27.18
N LEU D 185 -18.96 12.45 28.28
CA LEU D 185 -18.50 11.08 28.28
C LEU D 185 -19.68 10.11 28.20
N PRO D 186 -19.47 8.96 27.55
CA PRO D 186 -20.50 7.98 27.44
C PRO D 186 -20.68 7.20 28.75
N THR D 187 -21.53 6.19 28.72
CA THR D 187 -21.79 5.34 29.87
C THR D 187 -20.72 4.28 29.91
N ARG D 188 -19.92 4.34 30.96
CA ARG D 188 -18.86 3.39 31.19
C ARG D 188 -18.74 3.08 32.66
N THR D 189 -18.04 1.99 32.95
CA THR D 189 -17.65 1.70 34.32
C THR D 189 -16.19 1.25 34.37
N GLY D 190 -15.47 1.66 35.41
CA GLY D 190 -14.08 1.22 35.61
C GLY D 190 -13.10 1.93 34.69
N TYR D 191 -11.95 1.29 34.45
CA TYR D 191 -10.84 1.92 33.75
C TYR D 191 -11.08 1.96 32.24
N HIS D 192 -10.92 3.15 31.67
CA HIS D 192 -11.08 3.41 30.22
C HIS D 192 -10.08 4.41 29.74
N VAL D 193 -9.76 4.36 28.46
CA VAL D 193 -8.77 5.28 27.84
C VAL D 193 -9.45 6.15 26.78
N LEU D 194 -9.26 7.46 26.91
CA LEU D 194 -9.64 8.42 25.89
C LEU D 194 -8.39 8.75 25.09
N LEU D 195 -8.43 8.45 23.79
CA LEU D 195 -7.31 8.68 22.88
C LEU D 195 -7.64 9.92 22.03
N ALA D 196 -6.75 10.93 22.11
CA ALA D 196 -6.93 12.19 21.39
C ALA D 196 -5.89 12.24 20.29
N VAL D 197 -6.34 12.42 19.04
CA VAL D 197 -5.48 12.35 17.88
C VAL D 197 -5.64 13.64 17.07
N TRP D 198 -4.52 14.30 16.83
CA TRP D 198 -4.45 15.61 16.21
C TRP D 198 -3.81 15.43 14.86
N ASP D 199 -4.63 15.47 13.81
CA ASP D 199 -4.17 15.22 12.44
C ASP D 199 -3.60 16.45 11.80
N VAL D 200 -2.39 16.34 11.25
CA VAL D 200 -1.77 17.45 10.53
C VAL D 200 -2.08 17.34 9.02
N ALA D 201 -2.72 18.35 8.45
CA ALA D 201 -3.17 18.34 7.06
C ALA D 201 -2.03 18.23 6.06
N ASP D 202 -0.89 18.86 6.36
CA ASP D 202 0.24 18.93 5.44
C ASP D 202 1.46 18.10 5.79
N THR D 203 1.29 17.14 6.68
CA THR D 203 2.28 16.11 6.90
C THR D 203 1.58 14.78 6.94
N ALA D 204 2.39 13.73 7.04
CA ALA D 204 1.91 12.36 7.09
C ALA D 204 1.40 11.96 8.48
N ASN D 205 1.49 12.88 9.45
CA ASN D 205 1.44 12.51 10.85
C ASN D 205 0.31 13.11 11.67
N ALA D 206 0.07 12.49 12.82
CA ALA D 206 -0.81 13.02 13.88
C ALA D 206 -0.03 12.98 15.18
N PHE D 207 -0.45 13.82 16.12
CA PHE D 207 0.04 13.80 17.48
C PHE D 207 -1.00 13.09 18.35
N TYR D 208 -0.51 12.21 19.21
CA TYR D 208 -1.29 11.32 20.05
C TYR D 208 -1.12 11.68 21.55
N GLN D 209 -2.25 11.76 22.25
CA GLN D 209 -2.29 11.92 23.70
C GLN D 209 -3.31 10.96 24.28
N VAL D 210 -2.96 10.41 25.43
CA VAL D 210 -3.77 9.44 26.10
C VAL D 210 -4.23 10.05 27.42
N ILE D 211 -5.54 10.04 27.66
CA ILE D 211 -6.08 10.45 28.94
C ILE D 211 -6.70 9.23 29.61
N ASP D 212 -6.15 8.86 30.77
CA ASP D 212 -6.61 7.69 31.48
C ASP D 212 -7.76 8.07 32.41
N LEU D 213 -8.80 7.24 32.42
CA LEU D 213 -10.06 7.58 33.08
C LEU D 213 -10.50 6.45 33.99
N ASN D 214 -11.05 6.80 35.15
CA ASN D 214 -11.70 5.82 36.00
C ASN D 214 -13.15 6.20 36.25
N PHE D 215 -14.05 5.41 35.68
CA PHE D 215 -15.49 5.67 35.76
C PHE D 215 -16.03 5.02 37.01
N ALA D 216 -16.85 5.77 37.74
CA ALA D 216 -17.61 5.21 38.83
C ALA D 216 -18.55 4.14 38.26
N VAL E 24 38.21 8.71 21.92
CA VAL E 24 36.86 8.08 22.04
C VAL E 24 37.01 6.73 22.75
N ILE E 25 37.98 5.96 22.27
CA ILE E 25 38.29 4.67 22.86
C ILE E 25 39.76 4.35 22.61
N THR E 26 40.42 3.78 23.62
CA THR E 26 41.78 3.24 23.53
C THR E 26 41.76 1.77 23.99
N PRO E 27 42.46 0.87 23.29
CA PRO E 27 43.22 1.02 22.05
C PRO E 27 42.33 1.52 20.90
N GLU E 28 42.94 2.22 19.96
CA GLU E 28 42.21 2.88 18.90
C GLU E 28 41.30 1.88 18.20
N SER E 29 40.02 2.20 18.10
CA SER E 29 39.11 1.37 17.32
C SER E 29 39.30 1.65 15.84
N ARG E 30 38.71 0.80 15.03
CA ARG E 30 38.69 0.97 13.58
C ARG E 30 38.23 2.36 13.19
N ALA E 31 37.13 2.79 13.80
CA ALA E 31 36.57 4.13 13.55
C ALA E 31 37.50 5.27 14.01
N VAL E 32 38.21 5.09 15.12
CA VAL E 32 39.23 6.07 15.51
C VAL E 32 40.32 6.20 14.45
N TYR E 33 40.77 5.09 13.88
CA TYR E 33 41.81 5.17 12.84
C TYR E 33 41.30 5.86 11.57
N LEU E 34 40.07 5.57 11.16
CA LEU E 34 39.47 6.31 10.04
C LEU E 34 39.37 7.81 10.36
N TYR E 35 38.94 8.15 11.58
CA TYR E 35 38.92 9.55 12.01
C TYR E 35 40.30 10.22 11.85
N GLU E 36 41.35 9.53 12.27
CA GLU E 36 42.72 10.06 12.22
C GLU E 36 43.29 10.21 10.80
N ALA E 37 42.68 9.50 9.85
CA ALA E 37 42.99 9.69 8.43
C ALA E 37 42.06 10.73 7.74
N GLY E 38 41.22 11.41 8.52
CA GLY E 38 40.24 12.37 7.97
C GLY E 38 39.05 11.76 7.22
N ARG E 39 38.80 10.47 7.41
CA ARG E 39 37.80 9.73 6.61
C ARG E 39 36.47 9.56 7.33
N LEU E 40 36.42 9.92 8.60
CA LEU E 40 35.18 10.09 9.31
C LEU E 40 35.33 11.37 10.09
N ASP E 41 34.23 12.06 10.32
CA ASP E 41 34.28 13.22 11.23
C ASP E 41 34.04 12.74 12.66
N PHE E 42 34.07 13.67 13.61
CA PHE E 42 33.92 13.32 15.03
C PHE E 42 32.54 12.75 15.36
N GLY E 43 31.50 13.33 14.77
CA GLY E 43 30.14 12.88 14.97
C GLY E 43 29.89 11.43 14.54
N GLN E 44 30.50 11.04 13.43
CA GLN E 44 30.35 9.68 12.89
C GLN E 44 31.06 8.63 13.75
N VAL E 45 32.25 8.93 14.25
CA VAL E 45 32.99 8.03 15.16
C VAL E 45 32.19 7.72 16.42
N ASN E 46 31.45 8.72 16.89
CA ASN E 46 30.67 8.64 18.11
C ASN E 46 29.21 8.25 17.89
N GLU E 47 28.82 7.93 16.65
CA GLU E 47 27.43 7.58 16.38
C GLU E 47 27.33 6.27 15.57
N LEU E 48 28.04 5.25 16.06
CA LEU E 48 27.96 3.92 15.49
C LEU E 48 26.94 3.23 16.37
N GLU E 49 25.68 3.58 16.13
CA GLU E 49 24.62 3.31 17.06
C GLU E 49 23.50 2.54 16.36
N GLY E 50 23.24 1.33 16.85
CA GLY E 50 22.14 0.52 16.35
C GLY E 50 21.47 -0.17 17.50
N GLY E 51 20.54 -1.07 17.18
CA GLY E 51 19.80 -1.79 18.21
C GLY E 51 20.73 -2.50 19.16
N LYS E 52 20.42 -2.40 20.45
CA LYS E 52 21.17 -3.15 21.44
C LYS E 52 20.79 -4.64 21.49
N PHE E 53 21.59 -5.39 22.26
CA PHE E 53 21.44 -6.83 22.55
C PHE E 53 21.98 -7.73 21.47
N PHE E 54 22.96 -7.24 20.72
CA PHE E 54 23.78 -8.12 19.90
C PHE E 54 24.19 -9.32 20.77
N PRO E 55 24.17 -10.55 20.22
CA PRO E 55 23.94 -11.00 18.86
C PRO E 55 22.51 -11.40 18.52
N ALA E 56 21.52 -10.95 19.30
CA ALA E 56 20.12 -11.15 18.91
C ALA E 56 19.89 -10.45 17.57
N THR E 57 18.87 -10.89 16.83
CA THR E 57 18.49 -10.28 15.55
C THR E 57 17.15 -9.54 15.63
N GLN E 58 16.28 -9.98 16.53
CA GLN E 58 14.97 -9.41 16.71
C GLN E 58 15.00 -8.08 17.48
N SER E 59 13.98 -7.26 17.25
CA SER E 59 13.76 -6.07 18.08
C SER E 59 12.61 -6.34 19.07
N GLY E 60 12.39 -5.38 19.96
CA GLY E 60 11.33 -5.51 20.98
C GLY E 60 11.64 -6.43 22.17
N LEU E 61 12.89 -6.88 22.30
CA LEU E 61 13.29 -7.75 23.41
C LEU E 61 13.55 -6.92 24.65
N ARG E 62 13.17 -7.45 25.81
CA ARG E 62 13.47 -6.77 27.07
C ARG E 62 14.92 -7.06 27.50
N ASP E 63 15.47 -6.18 28.33
CA ASP E 63 16.79 -6.41 28.90
C ASP E 63 16.71 -7.58 29.85
N PRO E 64 17.65 -8.53 29.75
CA PRO E 64 17.55 -9.73 30.59
C PRO E 64 17.87 -9.43 32.08
N ASP E 65 18.52 -8.31 32.36
CA ASP E 65 18.85 -7.96 33.75
C ASP E 65 17.95 -6.85 34.32
N ALA E 66 17.51 -5.91 33.48
CA ALA E 66 16.78 -4.76 33.92
C ALA E 66 15.39 -4.70 33.25
N PRO E 67 14.34 -5.25 33.90
CA PRO E 67 12.99 -5.29 33.35
C PRO E 67 12.47 -3.95 32.81
N ASP E 68 12.83 -2.83 33.44
CA ASP E 68 12.24 -1.52 33.05
C ASP E 68 13.00 -0.78 31.95
N ASP E 69 14.19 -1.26 31.60
CA ASP E 69 14.96 -0.66 30.51
C ASP E 69 14.18 -0.69 29.20
N VAL E 70 14.43 0.31 28.36
CA VAL E 70 13.72 0.42 27.07
C VAL E 70 14.12 -0.80 26.23
N ALA E 71 13.14 -1.39 25.54
CA ALA E 71 13.36 -2.61 24.74
C ALA E 71 14.25 -2.28 23.54
N ASN E 72 14.98 -3.25 23.00
CA ASN E 72 15.87 -2.97 21.85
C ASN E 72 15.17 -2.62 20.54
N GLY E 73 15.81 -1.77 19.73
CA GLY E 73 15.46 -1.67 18.29
C GLY E 73 16.19 -2.81 17.56
N MET E 74 16.21 -2.79 16.23
CA MET E 74 16.86 -3.84 15.40
CA MET E 74 16.84 -3.91 15.50
C MET E 74 18.37 -3.83 15.58
N PRO E 75 18.98 -4.92 16.13
CA PRO E 75 20.43 -4.89 16.12
C PRO E 75 20.98 -4.95 14.70
N PRO E 76 22.24 -4.51 14.52
CA PRO E 76 22.86 -4.48 13.19
C PRO E 76 22.83 -5.83 12.53
N ARG E 77 22.41 -5.87 11.26
CA ARG E 77 22.54 -7.09 10.45
C ARG E 77 24.00 -7.51 10.26
N ASP E 78 24.19 -8.81 9.99
CA ASP E 78 25.49 -9.33 9.57
C ASP E 78 26.01 -8.51 8.38
N GLY E 79 27.30 -8.23 8.39
CA GLY E 79 27.89 -7.35 7.40
C GLY E 79 27.75 -5.86 7.70
N GLU E 80 26.99 -5.52 8.72
CA GLU E 80 26.81 -4.11 9.11
C GLU E 80 27.11 -3.90 10.60
N ILE E 81 27.78 -4.86 11.20
CA ILE E 81 28.08 -4.83 12.64
C ILE E 81 29.03 -3.69 12.97
N ALA E 82 30.04 -3.52 12.13
CA ALA E 82 31.12 -2.56 12.37
C ALA E 82 30.68 -1.10 12.34
N SER E 83 29.62 -0.79 11.59
CA SER E 83 29.10 0.58 11.54
C SER E 83 27.96 0.85 12.51
N GLY E 84 27.67 -0.11 13.37
CA GLY E 84 26.52 -0.04 14.25
C GLY E 84 25.23 -0.02 13.47
N GLY E 85 25.23 -0.70 12.33
CA GLY E 85 24.10 -0.72 11.41
C GLY E 85 23.92 0.53 10.55
N ARG E 86 24.88 1.49 10.60
CA ARG E 86 24.79 2.78 9.86
C ARG E 86 25.42 2.69 8.47
N THR E 87 24.63 2.95 7.43
CA THR E 87 25.11 2.79 6.06
C THR E 87 24.81 3.96 5.12
N ALA E 88 24.19 5.00 5.62
CA ALA E 88 23.76 6.14 4.78
C ALA E 88 24.91 7.09 4.37
N ASP E 89 26.07 6.99 5.01
CA ASP E 89 27.21 7.87 4.74
C ASP E 89 28.57 7.14 4.88
N ALA E 90 29.63 7.89 5.16
CA ALA E 90 30.99 7.34 5.18
C ALA E 90 31.24 6.30 6.29
N ARG E 91 30.31 6.17 7.24
CA ARG E 91 30.35 5.10 8.23
C ARG E 91 30.27 3.73 7.58
N ALA E 92 29.67 3.68 6.37
CA ALA E 92 29.64 2.45 5.55
C ALA E 92 31.03 1.84 5.32
N GLN E 93 32.06 2.69 5.25
CA GLN E 93 33.45 2.22 5.11
C GLN E 93 33.80 1.13 6.14
N LEU E 94 33.32 1.28 7.36
CA LEU E 94 33.63 0.36 8.46
C LEU E 94 33.26 -1.09 8.15
N ASN E 95 32.29 -1.32 7.27
CA ASN E 95 31.82 -2.68 7.00
C ASN E 95 32.64 -3.46 5.98
N GLU E 96 33.56 -2.79 5.29
CA GLU E 96 34.36 -3.47 4.25
C GLU E 96 35.16 -4.56 4.93
N PRO E 97 35.37 -5.69 4.25
CA PRO E 97 36.19 -6.74 4.83
C PRO E 97 37.66 -6.40 4.75
N ASP E 98 38.45 -7.11 5.55
CA ASP E 98 39.90 -6.89 5.63
C ASP E 98 40.58 -7.09 4.28
N SER E 99 40.07 -8.02 3.47
CA SER E 99 40.61 -8.24 2.12
C SER E 99 40.65 -6.97 1.26
N VAL E 100 39.68 -6.08 1.47
CA VAL E 100 39.58 -4.81 0.75
C VAL E 100 40.24 -3.66 1.55
N ALA E 101 40.07 -3.69 2.87
CA ALA E 101 40.39 -2.54 3.72
C ALA E 101 41.76 -2.60 4.37
N HIS E 102 42.26 -3.81 4.66
CA HIS E 102 43.55 -3.98 5.35
C HIS E 102 43.65 -3.14 6.58
N TRP E 103 42.68 -3.37 7.48
CA TRP E 103 42.54 -2.60 8.69
C TRP E 103 43.81 -2.63 9.50
N GLN E 104 44.12 -1.50 10.13
CA GLN E 104 45.26 -1.45 11.05
C GLN E 104 44.95 -2.30 12.25
N LYS E 105 45.85 -3.24 12.56
CA LYS E 105 45.62 -4.17 13.65
C LYS E 105 46.64 -3.91 14.76
N HIS E 106 46.20 -3.90 16.00
CA HIS E 106 47.07 -3.83 17.17
C HIS E 106 47.75 -5.15 17.40
N ALA E 107 49.06 -5.11 17.62
CA ALA E 107 49.85 -6.33 17.90
C ALA E 107 49.63 -6.78 19.32
N VAL E 108 49.07 -7.96 19.50
CA VAL E 108 48.79 -8.53 20.81
C VAL E 108 49.22 -10.01 20.87
N ARG E 109 49.15 -10.60 22.06
CA ARG E 109 49.53 -12.00 22.28
C ARG E 109 48.49 -12.70 23.14
N SER E 110 48.36 -14.02 22.97
CA SER E 110 47.49 -14.82 23.84
C SER E 110 47.76 -14.57 25.31
N GLY E 111 46.69 -14.31 26.07
CA GLY E 111 46.78 -14.08 27.52
C GLY E 111 47.01 -12.63 27.92
N GLN E 112 47.37 -11.79 26.95
CA GLN E 112 47.76 -10.40 27.22
C GLN E 112 46.68 -9.61 27.98
N SER E 113 47.09 -8.94 29.06
CA SER E 113 46.27 -7.93 29.71
C SER E 113 45.98 -6.78 28.76
N LEU E 114 44.70 -6.46 28.62
CA LEU E 114 44.31 -5.41 27.74
C LEU E 114 43.48 -4.44 28.53
N GLN E 115 43.83 -3.17 28.46
CA GLN E 115 43.05 -2.15 29.13
C GLN E 115 42.23 -1.44 28.08
N ILE E 116 40.91 -1.40 28.26
CA ILE E 116 40.04 -0.62 27.40
C ILE E 116 39.65 0.66 28.11
N SER E 117 39.75 1.78 27.39
CA SER E 117 39.50 3.07 27.98
C SER E 117 38.54 3.88 27.13
N TRP E 118 37.33 4.08 27.63
CA TRP E 118 36.34 4.90 26.94
C TRP E 118 36.38 6.28 27.53
N SER E 119 36.42 7.29 26.67
CA SER E 119 36.47 8.66 27.13
C SER E 119 35.16 9.07 27.83
N TYR E 120 35.30 9.98 28.80
CA TYR E 120 34.16 10.69 29.35
C TYR E 120 33.73 11.72 28.30
N SER E 121 32.57 11.48 27.67
CA SER E 121 32.01 12.45 26.72
C SER E 121 30.49 12.62 26.94
N MET E 122 29.64 12.31 25.94
CA MET E 122 28.21 12.66 26.02
C MET E 122 27.52 11.76 27.07
N PRO E 123 26.54 12.31 27.80
CA PRO E 123 25.91 11.52 28.86
C PRO E 123 24.94 10.46 28.31
N HIS E 124 25.15 9.21 28.72
CA HIS E 124 24.22 8.13 28.45
C HIS E 124 24.06 7.33 29.72
N LYS E 125 22.81 7.12 30.14
CA LYS E 125 22.53 6.19 31.24
C LYS E 125 22.86 4.82 30.67
N THR E 126 23.88 4.18 31.22
CA THR E 126 24.42 2.96 30.63
C THR E 126 24.05 1.70 31.41
N ARG E 127 23.51 0.70 30.73
CA ARG E 127 23.18 -0.55 31.40
C ARG E 127 24.39 -1.48 31.49
N ARG E 128 25.12 -1.61 30.40
CA ARG E 128 26.24 -2.53 30.37
C ARG E 128 27.23 -2.27 29.25
N TRP E 129 28.44 -2.78 29.46
CA TRP E 129 29.45 -2.88 28.41
C TRP E 129 29.76 -4.34 28.19
N THR E 130 29.81 -4.75 26.93
CA THR E 130 30.11 -6.15 26.57
C THR E 130 31.26 -6.23 25.54
N TYR E 131 32.14 -7.21 25.72
CA TYR E 131 33.25 -7.42 24.80
C TYR E 131 33.16 -8.84 24.22
N TRP E 132 33.02 -8.90 22.89
CA TRP E 132 32.96 -10.14 22.12
C TRP E 132 34.21 -10.31 21.33
N ILE E 133 34.64 -11.55 21.14
CA ILE E 133 35.89 -11.86 20.46
C ILE E 133 35.60 -12.90 19.38
N THR E 134 36.28 -12.79 18.23
CA THR E 134 36.10 -13.76 17.14
C THR E 134 36.58 -15.16 17.53
N LYS E 135 35.97 -16.19 16.93
CA LYS E 135 36.38 -17.58 17.15
C LYS E 135 37.68 -17.90 16.43
N PRO E 136 38.46 -18.84 16.99
CA PRO E 136 39.56 -19.42 16.22
C PRO E 136 39.07 -19.89 14.85
N GLY E 137 39.84 -19.62 13.81
CA GLY E 137 39.51 -20.07 12.47
C GLY E 137 38.38 -19.30 11.78
N TRP E 138 37.86 -18.22 12.35
CA TRP E 138 36.83 -17.46 11.63
C TRP E 138 37.32 -17.02 10.26
N ASP E 139 36.40 -16.81 9.32
CA ASP E 139 36.77 -16.34 7.98
C ASP E 139 37.22 -14.87 8.02
N THR E 140 38.52 -14.66 8.14
CA THR E 140 39.09 -13.34 8.36
C THR E 140 38.93 -12.41 7.15
N GLN E 141 38.59 -12.96 5.98
CA GLN E 141 38.40 -12.15 4.78
C GLN E 141 36.93 -11.76 4.50
N ALA E 142 36.01 -12.25 5.33
CA ALA E 142 34.56 -11.97 5.15
C ALA E 142 34.13 -10.70 5.90
N ARG E 143 32.99 -10.15 5.52
CA ARG E 143 32.36 -9.07 6.28
C ARG E 143 31.91 -9.66 7.59
N LEU E 144 31.97 -8.86 8.65
CA LEU E 144 31.73 -9.37 10.01
C LEU E 144 30.31 -9.86 10.18
N ALA E 145 30.16 -11.04 10.77
CA ALA E 145 28.89 -11.70 10.99
C ALA E 145 28.85 -12.35 12.38
N ARG E 146 27.65 -12.61 12.89
CA ARG E 146 27.45 -13.26 14.17
C ARG E 146 28.19 -14.58 14.31
N ALA E 147 28.23 -15.36 13.23
CA ALA E 147 28.85 -16.68 13.27
C ALA E 147 30.37 -16.61 13.51
N HIS E 148 30.94 -15.42 13.34
CA HIS E 148 32.36 -15.21 13.57
C HIS E 148 32.71 -15.10 15.03
N PHE E 149 31.72 -14.81 15.87
CA PHE E 149 32.00 -14.49 17.27
C PHE E 149 31.69 -15.64 18.22
N GLU E 150 32.51 -15.78 19.26
CA GLU E 150 32.26 -16.72 20.34
C GLU E 150 30.90 -16.38 20.95
N PRO E 151 30.08 -17.40 21.26
CA PRO E 151 28.70 -17.21 21.73
C PRO E 151 28.62 -16.57 23.13
N ASP E 152 29.63 -16.80 23.95
CA ASP E 152 29.76 -16.13 25.24
C ASP E 152 30.71 -14.92 25.12
N PRO E 153 30.35 -13.78 25.74
CA PRO E 153 31.28 -12.65 25.68
C PRO E 153 32.60 -12.94 26.39
N LEU E 154 33.66 -12.27 25.97
CA LEU E 154 34.92 -12.32 26.69
C LEU E 154 34.75 -11.72 28.09
N LYS E 155 34.00 -10.61 28.15
CA LYS E 155 33.86 -9.91 29.41
C LYS E 155 32.63 -9.05 29.39
N VAL E 156 31.90 -9.03 30.52
CA VAL E 156 30.73 -8.17 30.67
C VAL E 156 30.89 -7.32 31.92
N TYR E 157 30.56 -6.03 31.81
CA TYR E 157 30.42 -5.13 32.99
C TYR E 157 28.97 -4.61 33.04
N LEU E 158 28.26 -4.99 34.10
CA LEU E 158 26.86 -4.66 34.25
C LEU E 158 26.66 -3.61 35.33
N ASN E 159 26.01 -2.50 35.00
CA ASN E 159 25.49 -1.59 36.01
C ASN E 159 24.19 -2.19 36.57
N THR E 160 24.02 -2.13 37.88
CA THR E 160 22.86 -2.74 38.51
C THR E 160 21.75 -1.75 38.90
N TYR E 161 21.98 -0.43 38.87
CA TYR E 161 20.97 0.51 39.38
C TYR E 161 19.71 0.49 38.52
N GLN E 162 18.58 0.30 39.19
CA GLN E 162 17.27 0.22 38.54
C GLN E 162 16.22 0.82 39.46
N PRO E 163 15.17 1.41 38.87
CA PRO E 163 14.95 1.58 37.45
C PRO E 163 15.81 2.73 36.93
N TYR E 164 15.99 2.81 35.60
CA TYR E 164 16.78 3.90 35.00
C TYR E 164 16.30 5.32 35.30
N TRP E 165 15.04 5.47 35.71
CA TRP E 165 14.50 6.80 36.10
C TRP E 165 14.50 7.00 37.58
N GLY E 166 15.15 6.11 38.32
CA GLY E 166 15.18 6.22 39.78
C GLY E 166 15.92 7.47 40.27
N PRO E 167 15.70 7.86 41.52
CA PRO E 167 16.22 9.17 41.96
C PRO E 167 17.73 9.34 41.83
N ASP E 168 18.50 8.25 41.86
CA ASP E 168 19.95 8.32 41.81
C ASP E 168 20.52 7.80 40.49
N ALA E 169 19.68 7.68 39.46
CA ALA E 169 20.11 7.10 38.18
C ALA E 169 21.28 7.84 37.51
N ASP E 170 21.35 9.16 37.63
CA ASP E 170 22.39 9.91 36.93
C ASP E 170 23.78 9.53 37.43
N LYS E 171 23.97 9.56 38.74
CA LYS E 171 25.24 9.19 39.37
C LYS E 171 25.53 7.68 39.18
N GLU E 172 24.49 6.85 39.26
CA GLU E 172 24.69 5.37 39.21
C GLU E 172 24.73 4.77 37.80
N LEU E 173 24.20 5.45 36.79
CA LEU E 173 24.19 4.88 35.43
C LEU E 173 24.97 5.68 34.39
N ILE E 174 25.19 6.97 34.61
CA ILE E 174 25.91 7.80 33.65
C ILE E 174 27.36 7.81 34.09
N PRO E 175 28.28 7.39 33.19
CA PRO E 175 29.69 7.42 33.55
C PRO E 175 30.11 8.78 34.10
N GLN E 176 30.67 8.79 35.32
CA GLN E 176 31.09 10.01 36.03
C GLN E 176 32.55 10.35 35.77
N GLY E 177 33.15 9.64 34.84
CA GLY E 177 34.53 9.82 34.42
C GLY E 177 34.81 8.90 33.24
N GLU E 178 36.10 8.65 32.94
CA GLU E 178 36.50 7.67 31.92
C GLU E 178 36.04 6.30 32.40
N THR E 179 35.60 5.46 31.49
CA THR E 179 35.25 4.08 31.82
C THR E 179 36.45 3.21 31.47
N ILE E 180 37.04 2.56 32.48
CA ILE E 180 38.27 1.77 32.27
C ILE E 180 38.02 0.32 32.60
N HIS E 181 38.20 -0.53 31.60
CA HIS E 181 38.03 -1.95 31.75
C HIS E 181 39.35 -2.65 31.44
N GLU E 182 39.61 -3.76 32.12
CA GLU E 182 40.83 -4.54 31.91
C GLU E 182 40.46 -6.00 31.95
N PHE E 183 40.93 -6.76 30.99
CA PHE E 183 40.76 -8.21 30.98
C PHE E 183 41.89 -8.85 30.20
N ASN E 184 41.98 -10.18 30.28
CA ASN E 184 43.02 -10.91 29.56
C ASN E 184 42.43 -11.42 28.26
N LEU E 185 43.16 -11.23 27.16
CA LEU E 185 42.77 -11.82 25.89
C LEU E 185 42.95 -13.35 25.95
N PRO E 186 42.10 -14.08 25.22
CA PRO E 186 42.21 -15.52 25.20
C PRO E 186 43.31 -15.99 24.23
N THR E 187 43.40 -17.29 24.04
CA THR E 187 44.41 -17.91 23.18
C THR E 187 43.98 -17.82 21.72
N ARG E 188 44.75 -17.08 20.93
CA ARG E 188 44.44 -16.90 19.53
C ARG E 188 45.72 -16.76 18.71
N THR E 189 45.60 -16.96 17.40
CA THR E 189 46.63 -16.60 16.43
C THR E 189 46.04 -15.86 15.24
N GLY E 190 46.79 -14.90 14.74
CA GLY E 190 46.40 -14.14 13.55
C GLY E 190 45.37 -13.04 13.82
N TYR E 191 44.72 -12.61 12.74
CA TYR E 191 43.76 -11.53 12.77
C TYR E 191 42.49 -11.94 13.53
N HIS E 192 42.14 -11.16 14.55
CA HIS E 192 40.88 -11.30 15.28
C HIS E 192 40.25 -9.95 15.53
N VAL E 193 38.95 -9.95 15.77
CA VAL E 193 38.22 -8.72 16.06
C VAL E 193 37.65 -8.80 17.46
N LEU E 194 37.82 -7.71 18.21
CA LEU E 194 37.22 -7.51 19.53
C LEU E 194 36.12 -6.48 19.33
N LEU E 195 34.88 -6.86 19.55
CA LEU E 195 33.72 -6.00 19.40
C LEU E 195 33.31 -5.51 20.78
N ALA E 196 33.41 -4.20 20.98
CA ALA E 196 33.09 -3.57 22.26
C ALA E 196 31.75 -2.85 22.10
N VAL E 197 30.74 -3.24 22.90
CA VAL E 197 29.35 -2.78 22.75
C VAL E 197 28.85 -2.16 24.06
N TRP E 198 28.32 -0.94 23.96
CA TRP E 198 27.85 -0.12 25.07
C TRP E 198 26.33 -0.01 25.00
N ASP E 199 25.61 -0.61 25.94
CA ASP E 199 24.13 -0.63 25.90
C ASP E 199 23.55 0.55 26.68
N VAL E 200 22.67 1.32 26.04
CA VAL E 200 22.03 2.45 26.69
C VAL E 200 20.72 2.01 27.34
N ALA E 201 20.58 2.30 28.64
CA ALA E 201 19.45 1.75 29.40
C ALA E 201 18.12 2.35 28.95
N ASP E 202 18.11 3.64 28.64
CA ASP E 202 16.85 4.35 28.36
C ASP E 202 16.63 4.66 26.86
N THR E 203 17.25 3.87 25.98
CA THR E 203 17.01 3.96 24.54
C THR E 203 17.02 2.52 23.97
N ALA E 204 16.63 2.40 22.71
CA ALA E 204 16.61 1.14 21.99
C ALA E 204 18.02 0.66 21.61
N ASN E 205 19.05 1.46 21.88
CA ASN E 205 20.33 1.33 21.16
C ASN E 205 21.58 1.05 21.98
N ALA E 206 22.61 0.61 21.27
CA ALA E 206 23.94 0.44 21.81
C ALA E 206 24.90 1.10 20.84
N PHE E 207 26.09 1.44 21.34
CA PHE E 207 27.17 1.95 20.51
C PHE E 207 28.16 0.82 20.24
N TYR E 208 28.62 0.72 19.01
CA TYR E 208 29.42 -0.42 18.55
C TYR E 208 30.81 0.06 18.13
N GLN E 209 31.84 -0.50 18.76
CA GLN E 209 33.23 -0.20 18.40
C GLN E 209 34.00 -1.49 18.11
N VAL E 210 34.69 -1.52 16.99
CA VAL E 210 35.51 -2.65 16.57
C VAL E 210 36.97 -2.34 16.80
N ILE E 211 37.65 -3.25 17.49
CA ILE E 211 39.09 -3.15 17.68
C ILE E 211 39.74 -4.31 16.95
N ASP E 212 40.56 -3.97 15.95
CA ASP E 212 41.24 -4.97 15.15
C ASP E 212 42.52 -5.41 15.82
N LEU E 213 42.69 -6.72 15.91
CA LEU E 213 43.83 -7.30 16.64
C LEU E 213 44.63 -8.25 15.76
N ASN E 214 45.94 -8.25 15.95
CA ASN E 214 46.82 -9.21 15.33
C ASN E 214 47.55 -9.99 16.40
N PHE E 215 47.14 -11.24 16.62
CA PHE E 215 47.80 -12.10 17.58
C PHE E 215 49.03 -12.74 16.98
N ALA E 216 50.13 -12.67 17.76
CA ALA E 216 51.37 -13.40 17.52
C ALA E 216 51.11 -14.89 17.30
N SER F 18 -31.11 -25.76 -12.11
CA SER F 18 -31.27 -24.30 -11.81
C SER F 18 -32.69 -23.81 -12.16
N PRO F 19 -33.46 -23.37 -11.13
CA PRO F 19 -34.89 -23.09 -11.28
C PRO F 19 -35.20 -21.86 -12.11
N ARG F 20 -36.16 -21.98 -13.03
CA ARG F 20 -36.54 -20.87 -13.91
C ARG F 20 -37.61 -19.96 -13.29
N HIS F 21 -38.30 -20.49 -12.28
CA HIS F 21 -39.30 -19.73 -11.55
CA HIS F 21 -39.31 -19.73 -11.54
C HIS F 21 -39.31 -20.20 -10.12
N GLY F 22 -39.80 -19.35 -9.21
CA GLY F 22 -39.85 -19.73 -7.79
C GLY F 22 -40.21 -18.59 -6.86
N ARG F 23 -40.48 -18.92 -5.60
CA ARG F 23 -40.69 -17.92 -4.56
C ARG F 23 -39.35 -17.71 -3.87
N VAL F 24 -38.97 -16.46 -3.67
CA VAL F 24 -37.71 -16.13 -3.00
C VAL F 24 -37.96 -15.57 -1.59
N ILE F 25 -38.84 -14.58 -1.50
CA ILE F 25 -39.14 -13.93 -0.22
C ILE F 25 -40.56 -13.44 -0.29
N THR F 26 -41.26 -13.57 0.82
CA THR F 26 -42.63 -13.04 1.03
C THR F 26 -42.64 -12.22 2.34
N PRO F 27 -43.25 -11.02 2.32
CA PRO F 27 -43.88 -10.28 1.22
C PRO F 27 -42.92 -10.06 0.04
N GLU F 28 -43.46 -10.03 -1.16
CA GLU F 28 -42.68 -9.75 -2.37
C GLU F 28 -41.80 -8.52 -2.16
N SER F 29 -40.50 -8.72 -2.35
CA SER F 29 -39.56 -7.63 -2.31
C SER F 29 -39.62 -6.87 -3.63
N ARG F 30 -38.92 -5.76 -3.66
CA ARG F 30 -38.85 -4.91 -4.83
C ARG F 30 -38.27 -5.69 -6.01
N ALA F 31 -37.20 -6.45 -5.75
CA ALA F 31 -36.60 -7.29 -6.79
C ALA F 31 -37.58 -8.40 -7.27
N VAL F 32 -38.39 -8.96 -6.38
CA VAL F 32 -39.39 -9.93 -6.83
C VAL F 32 -40.40 -9.28 -7.79
N TYR F 33 -40.86 -8.09 -7.44
CA TYR F 33 -41.80 -7.37 -8.31
C TYR F 33 -41.22 -7.04 -9.69
N LEU F 34 -39.95 -6.62 -9.73
CA LEU F 34 -39.28 -6.39 -11.02
C LEU F 34 -39.33 -7.64 -11.90
N TYR F 35 -38.97 -8.79 -11.31
CA TYR F 35 -38.98 -10.05 -12.03
C TYR F 35 -40.41 -10.44 -12.47
N GLU F 36 -41.41 -10.23 -11.61
CA GLU F 36 -42.80 -10.54 -11.98
C GLU F 36 -43.27 -9.65 -13.13
N ALA F 37 -42.69 -8.45 -13.24
CA ALA F 37 -42.96 -7.55 -14.36
C ALA F 37 -42.22 -7.93 -15.64
N GLY F 38 -41.39 -8.98 -15.58
CA GLY F 38 -40.55 -9.39 -16.69
C GLY F 38 -39.31 -8.52 -16.91
N ARG F 39 -38.93 -7.70 -15.91
CA ARG F 39 -37.82 -6.75 -16.02
C ARG F 39 -36.50 -7.18 -15.33
N LEU F 40 -36.42 -8.41 -14.82
CA LEU F 40 -35.23 -8.90 -14.14
C LEU F 40 -35.23 -10.41 -14.18
N ASP F 41 -34.16 -11.02 -14.69
CA ASP F 41 -34.13 -12.47 -14.75
C ASP F 41 -34.29 -13.05 -13.35
N PHE F 42 -34.99 -14.18 -13.27
CA PHE F 42 -35.24 -14.85 -12.00
C PHE F 42 -33.93 -15.13 -11.25
N GLY F 43 -32.87 -15.44 -11.99
CA GLY F 43 -31.56 -15.74 -11.41
C GLY F 43 -30.93 -14.63 -10.56
N GLN F 44 -31.29 -13.38 -10.84
CA GLN F 44 -30.73 -12.22 -10.12
C GLN F 44 -31.58 -11.65 -8.99
N VAL F 45 -32.79 -12.20 -8.79
CA VAL F 45 -33.72 -11.66 -7.80
C VAL F 45 -33.13 -11.68 -6.39
N ASN F 46 -32.26 -12.64 -6.09
CA ASN F 46 -31.60 -12.69 -4.80
C ASN F 46 -30.07 -12.62 -4.89
N GLU F 47 -29.56 -11.90 -5.89
CA GLU F 47 -28.13 -11.65 -6.01
C GLU F 47 -27.87 -10.15 -5.82
N LEU F 48 -28.56 -9.54 -4.86
CA LEU F 48 -28.29 -8.15 -4.49
C LEU F 48 -27.30 -8.19 -3.35
N GLU F 49 -26.09 -8.59 -3.73
CA GLU F 49 -25.03 -8.97 -2.79
C GLU F 49 -23.92 -7.93 -2.78
N GLY F 50 -23.73 -7.31 -1.63
CA GLY F 50 -22.64 -6.37 -1.45
C GLY F 50 -22.10 -6.54 -0.05
N GLY F 51 -21.28 -5.60 0.38
CA GLY F 51 -20.57 -5.74 1.64
C GLY F 51 -21.49 -5.67 2.83
N LYS F 52 -21.19 -6.48 3.85
CA LYS F 52 -22.05 -6.58 5.05
C LYS F 52 -21.72 -5.48 6.09
N PHE F 53 -22.57 -5.39 7.10
CA PHE F 53 -22.48 -4.41 8.20
C PHE F 53 -22.97 -2.99 7.82
N PHE F 54 -23.88 -2.90 6.86
CA PHE F 54 -24.71 -1.70 6.73
C PHE F 54 -25.23 -1.33 8.12
N PRO F 55 -25.19 -0.04 8.50
CA PRO F 55 -24.93 1.19 7.72
C PRO F 55 -23.48 1.70 7.68
N ALA F 56 -22.51 0.85 8.03
CA ALA F 56 -21.09 1.24 8.01
C ALA F 56 -20.72 1.71 6.62
N THR F 57 -19.73 2.60 6.54
CA THR F 57 -19.26 3.16 5.27
C THR F 57 -17.82 2.76 5.05
N GLN F 58 -17.38 1.69 5.69
CA GLN F 58 -16.00 1.22 5.54
C GLN F 58 -15.92 -0.29 5.54
N SER F 59 -14.79 -0.79 5.02
CA SER F 59 -14.53 -2.21 4.91
C SER F 59 -13.45 -2.60 5.90
N GLY F 60 -13.25 -3.89 6.07
CA GLY F 60 -12.20 -4.39 6.94
C GLY F 60 -12.60 -4.51 8.40
N LEU F 61 -13.87 -4.26 8.72
CA LEU F 61 -14.34 -4.29 10.11
C LEU F 61 -14.61 -5.73 10.54
N ARG F 62 -14.26 -6.09 11.79
CA ARG F 62 -14.62 -7.40 12.32
C ARG F 62 -16.08 -7.43 12.73
N ASP F 63 -16.63 -8.63 12.85
CA ASP F 63 -18.00 -8.80 13.32
C ASP F 63 -18.02 -8.55 14.83
N PRO F 64 -18.94 -7.69 15.32
CA PRO F 64 -18.93 -7.38 16.74
C PRO F 64 -19.34 -8.54 17.63
N ASP F 65 -20.08 -9.50 17.11
CA ASP F 65 -20.48 -10.66 17.90
C ASP F 65 -19.58 -11.87 17.67
N ALA F 66 -18.96 -11.99 16.48
CA ALA F 66 -18.20 -13.20 16.12
C ALA F 66 -16.79 -12.85 15.64
N PRO F 67 -15.79 -12.90 16.54
CA PRO F 67 -14.49 -12.38 16.16
C PRO F 67 -13.82 -13.11 14.98
N ASP F 68 -14.14 -14.38 14.76
CA ASP F 68 -13.49 -15.15 13.70
C ASP F 68 -14.17 -14.99 12.34
N ASP F 69 -15.35 -14.38 12.29
CA ASP F 69 -16.05 -14.19 11.01
C ASP F 69 -15.19 -13.35 10.04
N VAL F 70 -15.37 -13.60 8.75
CA VAL F 70 -14.64 -12.87 7.72
C VAL F 70 -15.03 -11.38 7.79
N ALA F 71 -14.04 -10.50 7.74
CA ALA F 71 -14.25 -9.03 7.87
C ALA F 71 -15.06 -8.53 6.69
N ASN F 72 -15.77 -7.42 6.86
CA ASN F 72 -16.67 -6.93 5.79
C ASN F 72 -15.95 -6.33 4.58
N GLY F 73 -16.57 -6.47 3.41
CA GLY F 73 -16.23 -5.67 2.24
C GLY F 73 -16.92 -4.32 2.40
N MET F 74 -16.79 -3.46 1.40
CA MET F 74 -17.40 -2.15 1.48
C MET F 74 -18.91 -2.25 1.37
N PRO F 75 -19.64 -1.79 2.40
CA PRO F 75 -21.11 -1.78 2.27
C PRO F 75 -21.63 -0.90 1.13
N PRO F 76 -22.85 -1.18 0.66
CA PRO F 76 -23.37 -0.41 -0.48
C PRO F 76 -23.37 1.07 -0.14
N ARG F 77 -22.98 1.90 -1.09
CA ARG F 77 -23.03 3.35 -0.82
C ARG F 77 -24.44 3.90 -1.03
N ASP F 78 -24.64 5.10 -0.50
CA ASP F 78 -25.88 5.85 -0.64
C ASP F 78 -26.30 5.94 -2.09
N GLY F 79 -27.55 5.61 -2.36
CA GLY F 79 -28.07 5.60 -3.71
C GLY F 79 -27.95 4.25 -4.40
N GLU F 80 -27.26 3.30 -3.76
CA GLU F 80 -27.07 1.97 -4.31
C GLU F 80 -27.43 0.86 -3.29
N ILE F 81 -28.12 1.22 -2.21
CA ILE F 81 -28.47 0.27 -1.15
C ILE F 81 -29.40 -0.81 -1.68
N ALA F 82 -30.48 -0.37 -2.33
CA ALA F 82 -31.49 -1.29 -2.86
C ALA F 82 -30.91 -2.37 -3.77
N SER F 83 -29.84 -2.06 -4.51
CA SER F 83 -29.23 -3.06 -5.40
C SER F 83 -28.18 -3.92 -4.72
N GLY F 84 -27.90 -3.65 -3.45
CA GLY F 84 -26.81 -4.31 -2.76
C GLY F 84 -25.46 -3.90 -3.35
N GLY F 85 -25.42 -2.71 -3.95
CA GLY F 85 -24.21 -2.20 -4.63
C GLY F 85 -23.99 -2.71 -6.05
N ARG F 86 -24.93 -3.50 -6.57
CA ARG F 86 -24.86 -4.02 -7.94
C ARG F 86 -25.38 -2.97 -8.96
N THR F 87 -24.54 -2.65 -9.94
CA THR F 87 -24.84 -1.60 -10.92
C THR F 87 -24.51 -1.96 -12.38
N ALA F 88 -23.94 -3.15 -12.61
CA ALA F 88 -23.43 -3.48 -13.94
C ALA F 88 -24.52 -3.96 -14.91
N ASP F 89 -25.74 -4.21 -14.40
CA ASP F 89 -26.83 -4.76 -15.21
C ASP F 89 -28.21 -4.34 -14.72
N ALA F 90 -29.24 -5.11 -15.09
CA ALA F 90 -30.64 -4.81 -14.80
C ALA F 90 -30.97 -4.70 -13.29
N ARG F 91 -30.12 -5.22 -12.43
CA ARG F 91 -30.26 -5.00 -10.98
C ARG F 91 -30.18 -3.51 -10.61
N ALA F 92 -29.51 -2.73 -11.45
CA ALA F 92 -29.46 -1.26 -11.31
C ALA F 92 -30.82 -0.60 -11.13
N GLN F 93 -31.86 -1.15 -11.78
CA GLN F 93 -33.21 -0.57 -11.80
C GLN F 93 -33.75 -0.36 -10.40
N LEU F 94 -33.35 -1.24 -9.47
CA LEU F 94 -33.78 -1.19 -8.07
C LEU F 94 -33.39 0.11 -7.33
N ASN F 95 -32.37 0.82 -7.80
CA ASN F 95 -31.92 2.03 -7.09
C ASN F 95 -32.67 3.32 -7.44
N GLU F 96 -33.60 3.23 -8.42
CA GLU F 96 -34.34 4.41 -8.84
C GLU F 96 -35.23 4.93 -7.71
N PRO F 97 -35.27 6.26 -7.54
CA PRO F 97 -36.11 6.79 -6.48
C PRO F 97 -37.59 6.59 -6.77
N ASP F 98 -38.41 6.69 -5.72
CA ASP F 98 -39.83 6.45 -5.87
C ASP F 98 -40.49 7.51 -6.75
N SER F 99 -39.88 8.70 -6.80
CA SER F 99 -40.34 9.78 -7.67
C SER F 99 -40.34 9.36 -9.16
N VAL F 100 -39.49 8.40 -9.51
CA VAL F 100 -39.38 7.93 -10.90
C VAL F 100 -39.92 6.51 -11.10
N ALA F 101 -39.74 5.65 -10.10
CA ALA F 101 -40.09 4.23 -10.17
C ALA F 101 -41.50 3.92 -9.68
N HIS F 102 -41.99 4.68 -8.71
CA HIS F 102 -43.32 4.45 -8.13
C HIS F 102 -43.45 3.00 -7.76
N TRP F 103 -42.60 2.60 -6.82
CA TRP F 103 -42.52 1.20 -6.42
C TRP F 103 -43.82 0.69 -5.90
N GLN F 104 -44.11 -0.57 -6.20
CA GLN F 104 -45.28 -1.21 -5.64
C GLN F 104 -45.10 -1.34 -4.12
N LYS F 105 -46.08 -0.89 -3.36
CA LYS F 105 -45.99 -0.79 -1.90
C LYS F 105 -47.04 -1.68 -1.26
N HIS F 106 -46.64 -2.50 -0.29
CA HIS F 106 -47.60 -3.31 0.46
C HIS F 106 -48.35 -2.48 1.46
N ALA F 107 -49.68 -2.58 1.43
CA ALA F 107 -50.54 -1.87 2.39
C ALA F 107 -50.39 -2.47 3.79
N VAL F 108 -49.98 -1.67 4.75
CA VAL F 108 -49.80 -2.14 6.12
C VAL F 108 -50.33 -1.10 7.09
N ARG F 109 -50.37 -1.46 8.36
CA ARG F 109 -50.82 -0.56 9.43
C ARG F 109 -49.82 -0.58 10.60
N SER F 110 -49.72 0.54 11.31
CA SER F 110 -48.91 0.61 12.52
C SER F 110 -49.24 -0.54 13.46
N GLY F 111 -48.21 -1.21 13.97
CA GLY F 111 -48.38 -2.33 14.90
C GLY F 111 -48.57 -3.72 14.29
N GLN F 112 -48.86 -3.76 12.99
CA GLN F 112 -49.25 -4.98 12.31
C GLN F 112 -48.19 -6.07 12.46
N SER F 113 -48.64 -7.29 12.72
CA SER F 113 -47.77 -8.46 12.68
C SER F 113 -47.35 -8.67 11.24
N LEU F 114 -46.05 -8.85 11.01
CA LEU F 114 -45.54 -9.06 9.68
C LEU F 114 -44.66 -10.29 9.75
N GLN F 115 -44.92 -11.24 8.84
CA GLN F 115 -44.09 -12.41 8.68
C GLN F 115 -43.20 -12.27 7.44
N ILE F 116 -41.90 -12.39 7.60
CA ILE F 116 -41.00 -12.48 6.46
C ILE F 116 -40.61 -13.94 6.28
N SER F 117 -40.86 -14.47 5.09
CA SER F 117 -40.46 -15.84 4.80
C SER F 117 -39.46 -15.87 3.64
N TRP F 118 -38.28 -16.41 3.90
CA TRP F 118 -37.27 -16.64 2.87
C TRP F 118 -37.32 -18.08 2.46
N SER F 119 -37.34 -18.36 1.15
CA SER F 119 -37.34 -19.74 0.70
C SER F 119 -36.04 -20.43 1.10
N TYR F 120 -36.04 -21.76 0.98
CA TYR F 120 -34.89 -22.59 1.29
C TYR F 120 -33.95 -22.64 0.09
N SER F 121 -33.37 -21.48 -0.20
CA SER F 121 -32.60 -21.25 -1.43
C SER F 121 -31.30 -20.47 -1.20
N MET F 122 -30.90 -20.31 0.07
CA MET F 122 -29.72 -19.52 0.44
CA MET F 122 -29.72 -19.51 0.44
C MET F 122 -28.82 -20.35 1.34
N PRO F 123 -27.99 -21.21 0.75
CA PRO F 123 -27.20 -22.17 1.52
C PRO F 123 -25.95 -21.54 2.15
N HIS F 124 -26.13 -20.46 2.90
CA HIS F 124 -24.98 -19.67 3.36
C HIS F 124 -24.82 -19.82 4.85
N LYS F 125 -23.58 -19.91 5.32
CA LYS F 125 -23.34 -19.87 6.76
C LYS F 125 -23.68 -18.46 7.19
N THR F 126 -24.76 -18.32 7.96
CA THR F 126 -25.39 -17.01 8.22
C THR F 126 -25.12 -16.56 9.63
N ARG F 127 -24.58 -15.36 9.78
CA ARG F 127 -24.34 -14.84 11.12
C ARG F 127 -25.57 -14.21 11.72
N ARG F 128 -26.24 -13.37 10.94
CA ARG F 128 -27.39 -12.62 11.42
C ARG F 128 -28.31 -12.16 10.28
N TRP F 129 -29.55 -11.87 10.65
CA TRP F 129 -30.50 -11.20 9.76
C TRP F 129 -30.93 -9.94 10.47
N THR F 130 -30.93 -8.82 9.74
CA THR F 130 -31.25 -7.53 10.33
C THR F 130 -32.32 -6.84 9.49
N TYR F 131 -33.31 -6.24 10.15
CA TYR F 131 -34.37 -5.52 9.45
C TYR F 131 -34.36 -4.07 9.97
N TRP F 132 -34.15 -3.14 9.03
CA TRP F 132 -34.11 -1.73 9.29
C TRP F 132 -35.35 -1.14 8.74
N ILE F 133 -35.80 -0.03 9.31
CA ILE F 133 -36.98 0.66 8.81
C ILE F 133 -36.70 2.17 8.74
N THR F 134 -37.33 2.85 7.77
CA THR F 134 -37.14 4.28 7.56
C THR F 134 -37.68 5.11 8.73
N LYS F 135 -37.12 6.31 8.92
CA LYS F 135 -37.59 7.25 9.94
C LYS F 135 -38.91 7.88 9.48
N PRO F 136 -39.81 8.22 10.43
CA PRO F 136 -40.88 9.18 10.13
C PRO F 136 -40.35 10.46 9.48
N GLY F 137 -41.03 10.94 8.46
CA GLY F 137 -40.60 12.19 7.78
C GLY F 137 -39.31 12.09 6.96
N TRP F 138 -38.82 10.88 6.71
CA TRP F 138 -37.71 10.70 5.72
C TRP F 138 -38.13 11.18 4.35
N ASP F 139 -37.13 11.63 3.57
CA ASP F 139 -37.35 12.16 2.21
C ASP F 139 -37.73 11.03 1.23
N THR F 140 -39.03 10.73 1.13
CA THR F 140 -39.49 9.52 0.44
C THR F 140 -39.29 9.53 -1.07
N GLN F 141 -38.92 10.70 -1.61
CA GLN F 141 -38.70 10.86 -3.04
C GLN F 141 -37.23 10.71 -3.45
N ALA F 142 -36.33 10.60 -2.48
CA ALA F 142 -34.88 10.51 -2.74
C ALA F 142 -34.44 9.08 -3.03
N ARG F 143 -33.23 8.95 -3.58
CA ARG F 143 -32.60 7.64 -3.63
C ARG F 143 -32.29 7.21 -2.20
N LEU F 144 -32.37 5.92 -1.93
CA LEU F 144 -32.22 5.44 -0.57
C LEU F 144 -30.84 5.77 -0.02
N ALA F 145 -30.81 6.32 1.20
CA ALA F 145 -29.56 6.73 1.84
C ALA F 145 -29.61 6.40 3.33
N ARG F 146 -28.44 6.33 3.96
CA ARG F 146 -28.32 5.96 5.39
C ARG F 146 -29.10 6.90 6.30
N ALA F 147 -29.08 8.19 5.98
CA ALA F 147 -29.83 9.19 6.75
C ALA F 147 -31.35 8.90 6.81
N HIS F 148 -31.86 8.14 5.85
CA HIS F 148 -33.29 7.76 5.81
C HIS F 148 -33.71 6.73 6.82
N PHE F 149 -32.76 5.94 7.31
CA PHE F 149 -33.08 4.81 8.17
C PHE F 149 -32.87 5.09 9.65
N GLU F 150 -33.74 4.52 10.49
CA GLU F 150 -33.55 4.58 11.94
C GLU F 150 -32.20 3.96 12.25
N PRO F 151 -31.46 4.53 13.20
CA PRO F 151 -30.14 3.97 13.48
C PRO F 151 -30.19 2.65 14.23
N ASP F 152 -31.27 2.39 14.98
CA ASP F 152 -31.50 1.09 15.62
C ASP F 152 -32.32 0.19 14.67
N PRO F 153 -31.92 -1.06 14.52
CA PRO F 153 -32.73 -1.92 13.68
C PRO F 153 -34.09 -2.24 14.30
N LEU F 154 -35.09 -2.43 13.46
CA LEU F 154 -36.39 -2.90 13.92
C LEU F 154 -36.27 -4.25 14.62
N LYS F 155 -35.47 -5.15 14.05
CA LYS F 155 -35.31 -6.50 14.57
C LYS F 155 -34.00 -7.12 14.09
N VAL F 156 -33.33 -7.85 14.99
CA VAL F 156 -32.11 -8.57 14.67
C VAL F 156 -32.28 -10.03 15.12
N TYR F 157 -31.86 -10.96 14.27
CA TYR F 157 -31.78 -12.38 14.65
C TYR F 157 -30.32 -12.75 14.48
N LEU F 158 -29.70 -13.27 15.53
CA LEU F 158 -28.27 -13.54 15.55
C LEU F 158 -28.04 -15.03 15.77
N ASN F 159 -27.29 -15.66 14.86
CA ASN F 159 -26.81 -17.01 15.05
C ASN F 159 -25.56 -16.92 15.96
N THR F 160 -25.46 -17.83 16.93
CA THR F 160 -24.35 -17.80 17.90
C THR F 160 -23.21 -18.79 17.64
N TYR F 161 -23.40 -19.74 16.72
CA TYR F 161 -22.39 -20.80 16.58
C TYR F 161 -21.06 -20.25 16.06
N GLN F 162 -19.98 -20.57 16.76
CA GLN F 162 -18.64 -20.05 16.45
C GLN F 162 -17.57 -21.08 16.82
N PRO F 163 -16.48 -21.14 16.05
CA PRO F 163 -16.20 -20.37 14.85
C PRO F 163 -16.99 -20.91 13.63
N TYR F 164 -17.01 -20.17 12.53
CA TYR F 164 -17.80 -20.59 11.36
C TYR F 164 -17.23 -21.82 10.69
N TRP F 165 -16.00 -22.19 11.03
CA TRP F 165 -15.41 -23.47 10.56
C TRP F 165 -15.49 -24.57 11.58
N GLY F 166 -16.17 -24.34 12.70
CA GLY F 166 -16.32 -25.40 13.70
C GLY F 166 -17.03 -26.61 13.12
N PRO F 167 -16.87 -27.77 13.74
CA PRO F 167 -17.43 -29.03 13.23
C PRO F 167 -18.93 -29.07 12.95
N ASP F 168 -19.73 -28.27 13.65
CA ASP F 168 -21.19 -28.28 13.49
C ASP F 168 -21.69 -27.04 12.75
N ALA F 169 -20.80 -26.33 12.05
CA ALA F 169 -21.19 -25.09 11.41
C ALA F 169 -22.28 -25.26 10.35
N ASP F 170 -22.26 -26.34 9.58
CA ASP F 170 -23.27 -26.51 8.52
C ASP F 170 -24.65 -26.50 9.15
N LYS F 171 -24.87 -27.37 10.13
CA LYS F 171 -26.20 -27.50 10.75
C LYS F 171 -26.61 -26.28 11.57
N GLU F 172 -25.65 -25.61 12.22
CA GLU F 172 -25.93 -24.50 13.13
C GLU F 172 -25.96 -23.11 12.46
N LEU F 173 -25.28 -22.95 11.33
CA LEU F 173 -25.27 -21.65 10.64
C LEU F 173 -26.00 -21.61 9.31
N ILE F 174 -26.08 -22.75 8.62
CA ILE F 174 -26.78 -22.76 7.34
C ILE F 174 -28.25 -23.07 7.59
N PRO F 175 -29.15 -22.28 6.98
CA PRO F 175 -30.56 -22.60 7.18
C PRO F 175 -30.87 -24.07 6.85
N GLN F 176 -31.74 -24.68 7.66
CA GLN F 176 -32.16 -26.08 7.47
C GLN F 176 -33.59 -26.14 6.98
N GLY F 177 -34.03 -25.06 6.35
CA GLY F 177 -35.37 -24.94 5.79
C GLY F 177 -35.69 -23.50 5.45
N GLU F 178 -36.98 -23.19 5.28
CA GLU F 178 -37.41 -21.80 5.12
C GLU F 178 -36.96 -20.98 6.31
N THR F 179 -36.58 -19.73 6.09
CA THR F 179 -36.23 -18.85 7.21
C THR F 179 -37.40 -17.92 7.41
N ILE F 180 -38.10 -18.09 8.54
CA ILE F 180 -39.32 -17.36 8.82
C ILE F 180 -39.18 -16.45 10.07
N HIS F 181 -39.30 -15.15 9.88
CA HIS F 181 -39.19 -14.19 10.96
C HIS F 181 -40.52 -13.49 11.11
N GLU F 182 -40.88 -13.15 12.34
CA GLU F 182 -42.17 -12.54 12.63
C GLU F 182 -41.97 -11.39 13.59
N PHE F 183 -42.47 -10.20 13.29
CA PHE F 183 -42.35 -9.08 14.22
C PHE F 183 -43.46 -8.08 13.96
N ASN F 184 -43.63 -7.12 14.86
CA ASN F 184 -44.65 -6.10 14.69
C ASN F 184 -44.04 -4.87 14.07
N LEU F 185 -44.73 -4.28 13.10
CA LEU F 185 -44.34 -3.02 12.52
C LEU F 185 -44.52 -1.88 13.54
N PRO F 186 -43.60 -0.91 13.53
CA PRO F 186 -43.71 0.24 14.43
C PRO F 186 -44.78 1.22 13.91
N THR F 187 -44.96 2.33 14.62
CA THR F 187 -45.92 3.36 14.25
C THR F 187 -45.34 4.22 13.13
N ARG F 188 -46.09 4.31 12.05
CA ARG F 188 -45.69 5.00 10.83
C ARG F 188 -46.91 5.39 10.02
N THR F 189 -46.75 6.42 9.21
CA THR F 189 -47.76 6.76 8.24
C THR F 189 -47.07 6.96 6.89
N GLY F 190 -47.76 6.60 5.81
CA GLY F 190 -47.23 6.82 4.47
C GLY F 190 -46.19 5.81 4.02
N TYR F 191 -45.39 6.23 3.03
CA TYR F 191 -44.46 5.35 2.34
C TYR F 191 -43.23 5.13 3.21
N HIS F 192 -42.90 3.86 3.46
CA HIS F 192 -41.71 3.49 4.19
C HIS F 192 -41.04 2.30 3.59
N VAL F 193 -39.75 2.13 3.88
CA VAL F 193 -38.97 1.01 3.37
C VAL F 193 -38.45 0.16 4.51
N LEU F 194 -38.68 -1.15 4.41
CA LEU F 194 -38.05 -2.12 5.28
C LEU F 194 -36.89 -2.77 4.52
N LEU F 195 -35.68 -2.65 5.06
CA LEU F 195 -34.47 -3.18 4.42
C LEU F 195 -34.04 -4.38 5.21
N ALA F 196 -34.04 -5.53 4.52
CA ALA F 196 -33.67 -6.83 5.09
C ALA F 196 -32.22 -7.11 4.69
N VAL F 197 -31.36 -7.42 5.66
CA VAL F 197 -29.94 -7.64 5.37
C VAL F 197 -29.47 -8.99 5.95
N TRP F 198 -29.01 -9.86 5.08
CA TRP F 198 -28.65 -11.22 5.42
C TRP F 198 -27.15 -11.34 5.42
N ASP F 199 -26.53 -11.37 6.60
CA ASP F 199 -25.06 -11.38 6.76
C ASP F 199 -24.46 -12.78 6.66
N VAL F 200 -23.47 -12.94 5.78
CA VAL F 200 -22.80 -14.21 5.61
C VAL F 200 -21.54 -14.21 6.50
N ALA F 201 -21.43 -15.21 7.37
CA ALA F 201 -20.36 -15.28 8.36
C ALA F 201 -18.99 -15.42 7.75
N ASP F 202 -18.90 -16.26 6.71
CA ASP F 202 -17.63 -16.61 6.07
C ASP F 202 -17.33 -15.94 4.72
N THR F 203 -18.04 -14.84 4.42
CA THR F 203 -17.65 -13.97 3.33
C THR F 203 -17.67 -12.51 3.80
N ALA F 204 -17.20 -11.64 2.92
CA ALA F 204 -17.21 -10.21 3.13
C ALA F 204 -18.62 -9.58 3.05
N ASN F 205 -19.62 -10.37 2.63
CA ASN F 205 -20.87 -9.82 2.11
C ASN F 205 -22.16 -10.17 2.85
N ALA F 206 -23.19 -9.39 2.50
CA ALA F 206 -24.58 -9.64 2.87
C ALA F 206 -25.43 -9.55 1.62
N PHE F 207 -26.60 -10.18 1.69
CA PHE F 207 -27.64 -10.08 0.68
C PHE F 207 -28.71 -9.10 1.15
N TYR F 208 -29.14 -8.23 0.25
CA TYR F 208 -30.06 -7.16 0.55
C TYR F 208 -31.37 -7.38 -0.15
N GLN F 209 -32.47 -7.17 0.59
CA GLN F 209 -33.80 -7.14 0.01
C GLN F 209 -34.54 -5.89 0.52
N VAL F 210 -35.32 -5.29 -0.36
CA VAL F 210 -36.16 -4.14 -0.01
C VAL F 210 -37.62 -4.56 -0.10
N ILE F 211 -38.35 -4.30 0.98
CA ILE F 211 -39.80 -4.44 1.01
C ILE F 211 -40.37 -3.02 1.14
N ASP F 212 -41.09 -2.58 0.12
CA ASP F 212 -41.71 -1.25 0.14
C ASP F 212 -43.08 -1.34 0.83
N LEU F 213 -43.32 -0.41 1.75
CA LEU F 213 -44.52 -0.41 2.58
C LEU F 213 -45.28 0.89 2.44
N ASN F 214 -46.59 0.78 2.47
CA ASN F 214 -47.46 1.92 2.57
C ASN F 214 -48.33 1.79 3.83
N PHE F 215 -48.01 2.61 4.83
CA PHE F 215 -48.76 2.63 6.09
C PHE F 215 -49.97 3.55 5.98
N ALA F 216 -51.13 3.01 6.37
CA ALA F 216 -52.34 3.80 6.63
C ALA F 216 -52.04 5.01 7.55
N NO3 G . 11.47 -3.71 -15.67
O1 NO3 G . 11.52 -3.51 -16.87
O2 NO3 G . 10.23 -3.70 -15.04
O3 NO3 G . 12.63 -3.96 -14.95
N NO3 H . 8.05 -24.99 -17.37
O1 NO3 H . 7.34 -25.85 -16.85
O2 NO3 H . 7.62 -24.37 -18.52
O3 NO3 H . 9.27 -24.61 -16.80
C1 GOL I . 6.09 -12.16 -7.70
O1 GOL I . 5.25 -12.44 -8.78
C2 GOL I . 7.44 -12.76 -7.86
O2 GOL I . 7.85 -12.72 -6.49
C3 GOL I . 8.38 -11.92 -8.73
O3 GOL I . 7.98 -11.76 -10.08
N NO3 J . 33.29 19.69 -9.35
O1 NO3 J . 32.95 19.02 -10.32
O2 NO3 J . 32.58 19.58 -8.18
O3 NO3 J . 34.36 20.59 -9.43
N NO3 K . -22.99 10.68 -22.05
O1 NO3 K . -23.20 10.58 -23.25
O2 NO3 K . -21.77 11.19 -21.61
O3 NO3 K . -23.95 10.31 -21.11
C1 GOL L . 4.27 22.05 10.85
O1 GOL L . 3.98 22.92 11.93
C2 GOL L . 4.11 22.81 9.52
O2 GOL L . 5.04 23.90 9.41
C3 GOL L . 4.35 21.76 8.43
O3 GOL L . 4.25 22.36 7.13
N NO3 M . 43.02 -18.74 15.64
O1 NO3 M . 42.47 -18.12 14.72
O2 NO3 M . 43.55 -20.03 15.42
O3 NO3 M . 43.15 -18.21 16.91
C1 GOL N . -19.39 -19.88 1.32
O1 GOL N . -18.42 -20.62 2.09
C2 GOL N . -20.67 -20.69 1.13
O2 GOL N . -20.42 -21.82 0.30
C3 GOL N . -21.69 -19.74 0.49
O3 GOL N . -22.99 -20.33 0.36
#